data_5BPS
#
_entry.id   5BPS
#
_cell.length_a   76.216
_cell.length_b   76.216
_cell.length_c   489.190
_cell.angle_alpha   90.00
_cell.angle_beta   90.00
_cell.angle_gamma   90.00
#
_symmetry.space_group_name_H-M   'I 41 2 2'
#
loop_
_entity.id
_entity.type
_entity.pdbx_description
1 polymer 'ATP synthase subunit 9, mitochondrial'
2 non-polymer 'Oligomycin A'
3 water water
#
_entity_poly.entity_id   1
_entity_poly.type   'polypeptide(L)'
_entity_poly.pdbx_seq_one_letter_code
;(FME)QLVLAAKYIGAGISTIGLLGAGIGIAIVFAALINGVSRNPSIKDTVFPMAILGFALSEATGLFCLMVSFLLLFGV
;
_entity_poly.pdbx_strand_id   A,B,C,D,E,K,L,M,N,O
#
loop_
_chem_comp.id
_chem_comp.type
_chem_comp.name
_chem_comp.formula
EFO non-polymer 'Oligomycin A' 'C45 H74 O11'
#
# COMPACT_ATOMS: atom_id res chain seq x y z
N FME A 1 7.15 11.73 -42.09
CN FME A 1 6.04 11.67 -41.33
O1 FME A 1 6.05 11.95 -40.14
CA FME A 1 8.49 11.94 -41.53
CB FME A 1 9.53 11.61 -42.61
C FME A 1 8.71 13.35 -41.06
O FME A 1 9.17 13.55 -39.91
N GLN A 2 7.94 14.47 -41.48
CA GLN A 2 7.85 15.89 -41.00
C GLN A 2 7.18 15.97 -39.63
N LEU A 3 6.13 15.19 -39.43
CA LEU A 3 5.40 15.13 -38.17
C LEU A 3 6.26 14.55 -37.03
N VAL A 4 7.05 13.54 -37.34
CA VAL A 4 7.95 12.90 -36.36
C VAL A 4 9.05 13.88 -35.92
N LEU A 5 9.61 14.59 -36.89
CA LEU A 5 10.66 15.58 -36.64
C LEU A 5 10.12 16.72 -35.78
N ALA A 6 8.95 17.22 -36.15
CA ALA A 6 8.26 18.25 -35.38
C ALA A 6 8.10 17.82 -33.91
N ALA A 7 7.65 16.57 -33.72
CA ALA A 7 7.48 16.00 -32.39
C ALA A 7 8.78 15.93 -31.60
N LYS A 8 9.87 15.59 -32.27
CA LYS A 8 11.19 15.52 -31.63
C LYS A 8 11.57 16.89 -31.06
N TYR A 9 11.33 17.95 -31.83
CA TYR A 9 11.67 19.31 -31.42
C TYR A 9 10.78 19.84 -30.29
N ILE A 10 9.48 19.60 -30.38
CA ILE A 10 8.55 19.89 -29.28
C ILE A 10 8.95 19.12 -28.02
N GLY A 11 9.12 17.81 -28.16
CA GLY A 11 9.57 16.94 -27.06
C GLY A 11 10.85 17.43 -26.39
N ALA A 12 11.80 17.90 -27.21
CA ALA A 12 13.08 18.40 -26.70
C ALA A 12 12.89 19.64 -25.82
N GLY A 13 12.05 20.57 -26.26
CA GLY A 13 11.71 21.76 -25.46
C GLY A 13 11.03 21.38 -24.16
N ILE A 14 10.04 20.50 -24.23
CA ILE A 14 9.35 20.03 -23.03
C ILE A 14 10.30 19.36 -22.03
N SER A 15 11.32 18.69 -22.56
CA SER A 15 12.30 17.93 -21.77
CA SER A 15 12.30 17.93 -21.78
CA SER A 15 12.26 17.94 -21.74
C SER A 15 13.20 18.82 -20.91
N THR A 16 13.21 20.12 -21.16
CA THR A 16 14.03 21.02 -20.32
C THR A 16 13.29 21.56 -19.09
N ILE A 17 11.95 21.45 -19.10
CA ILE A 17 11.12 21.95 -17.98
C ILE A 17 11.65 21.44 -16.64
N GLY A 18 11.91 20.13 -16.56
CA GLY A 18 12.39 19.50 -15.34
C GLY A 18 13.67 20.07 -14.73
N LEU A 19 14.45 20.79 -15.54
CA LEU A 19 15.67 21.47 -15.06
C LEU A 19 15.41 22.51 -13.97
N LEU A 20 14.17 23.01 -13.91
CA LEU A 20 13.80 23.96 -12.84
C LEU A 20 13.96 23.36 -11.43
N GLY A 21 13.80 22.03 -11.34
CA GLY A 21 13.96 21.30 -10.07
C GLY A 21 15.39 21.33 -9.56
N ALA A 22 16.35 21.12 -10.48
CA ALA A 22 17.76 21.26 -10.14
C ALA A 22 18.09 22.71 -9.81
N GLY A 23 17.53 23.65 -10.58
CA GLY A 23 17.77 25.07 -10.35
C GLY A 23 17.40 25.49 -8.93
N ILE A 24 16.20 25.08 -8.51
CA ILE A 24 15.71 25.36 -7.15
C ILE A 24 16.50 24.53 -6.13
N GLY A 25 16.65 23.23 -6.41
CA GLY A 25 17.26 22.32 -5.44
C GLY A 25 18.72 22.64 -5.13
N ILE A 26 19.51 22.93 -6.15
CA ILE A 26 20.89 23.39 -5.93
C ILE A 26 20.87 24.56 -4.93
N ALA A 27 19.98 25.51 -5.15
CA ALA A 27 19.86 26.69 -4.29
C ALA A 27 19.50 26.32 -2.86
N ILE A 28 18.56 25.39 -2.70
CA ILE A 28 18.14 24.91 -1.38
C ILE A 28 19.33 24.35 -0.57
N VAL A 29 20.20 23.59 -1.25
CA VAL A 29 21.38 23.02 -0.59
C VAL A 29 22.32 24.15 -0.15
N PHE A 30 22.59 25.10 -1.05
CA PHE A 30 23.51 26.19 -0.72
C PHE A 30 23.00 27.13 0.35
N ALA A 31 21.67 27.35 0.37
CA ALA A 31 20.99 28.12 1.43
C ALA A 31 21.24 27.48 2.77
N ALA A 32 21.10 26.15 2.84
CA ALA A 32 21.34 25.41 4.09
C ALA A 32 22.80 25.50 4.49
N LEU A 33 23.70 25.36 3.51
CA LEU A 33 25.14 25.46 3.77
C LEU A 33 25.48 26.85 4.35
N ILE A 34 24.98 27.89 3.71
CA ILE A 34 25.23 29.24 4.16
C ILE A 34 24.65 29.48 5.56
N ASN A 35 23.40 29.09 5.79
CA ASN A 35 22.80 29.34 7.09
CA ASN A 35 22.73 29.24 7.10
C ASN A 35 23.48 28.46 8.17
N GLY A 36 23.79 27.22 7.83
CA GLY A 36 24.49 26.33 8.76
C GLY A 36 25.86 26.87 9.19
N VAL A 37 26.63 27.37 8.24
CA VAL A 37 27.92 27.95 8.53
C VAL A 37 27.80 29.29 9.32
N SER A 38 26.81 30.13 9.01
CA SER A 38 26.61 31.38 9.75
CA SER A 38 26.63 31.38 9.74
CA SER A 38 26.62 31.39 9.74
C SER A 38 26.27 31.14 11.22
N ARG A 39 25.42 30.13 11.46
CA ARG A 39 25.03 29.79 12.85
C ARG A 39 26.15 29.07 13.63
N ASN A 40 26.99 28.31 12.92
CA ASN A 40 28.09 27.55 13.52
C ASN A 40 29.32 27.49 12.59
N PRO A 41 30.15 28.55 12.54
CA PRO A 41 31.33 28.60 11.66
C PRO A 41 32.24 27.37 11.76
N SER A 42 32.41 26.82 12.96
CA SER A 42 33.27 25.68 13.18
C SER A 42 32.81 24.39 12.47
N ILE A 43 31.57 24.33 12.01
CA ILE A 43 31.08 23.09 11.38
C ILE A 43 31.37 23.07 9.86
N LYS A 44 31.96 24.14 9.33
CA LYS A 44 32.11 24.32 7.88
C LYS A 44 32.74 23.10 7.16
N ASP A 45 33.86 22.61 7.69
CA ASP A 45 34.60 21.49 7.09
C ASP A 45 33.78 20.21 7.04
N THR A 46 32.83 20.07 7.97
CA THR A 46 31.96 18.90 8.02
C THR A 46 30.82 19.00 7.02
N VAL A 47 30.21 20.17 6.91
CA VAL A 47 28.99 20.27 6.09
C VAL A 47 29.26 20.57 4.61
N PHE A 48 30.41 21.15 4.31
CA PHE A 48 30.75 21.44 2.92
C PHE A 48 30.78 20.16 2.05
N PRO A 49 31.47 19.08 2.51
CA PRO A 49 31.36 17.87 1.66
C PRO A 49 29.91 17.42 1.49
N MET A 50 29.07 17.59 2.53
CA MET A 50 27.65 17.17 2.45
C MET A 50 26.90 17.99 1.41
N ALA A 51 27.24 19.28 1.33
CA ALA A 51 26.65 20.19 0.35
C ALA A 51 27.07 19.80 -1.06
N ILE A 52 28.33 19.40 -1.24
CA ILE A 52 28.82 18.99 -2.56
C ILE A 52 28.02 17.77 -2.99
N LEU A 53 27.88 16.80 -2.09
CA LEU A 53 27.14 15.59 -2.39
C LEU A 53 25.71 15.92 -2.76
N GLY A 54 25.04 16.71 -1.91
CA GLY A 54 23.62 17.05 -2.13
C GLY A 54 23.36 17.80 -3.43
N PHE A 55 24.16 18.82 -3.72
CA PHE A 55 23.95 19.53 -4.98
C PHE A 55 24.27 18.68 -6.22
N ALA A 56 25.28 17.81 -6.12
CA ALA A 56 25.64 16.94 -7.24
C ALA A 56 24.46 15.98 -7.54
N LEU A 57 23.83 15.45 -6.50
CA LEU A 57 22.67 14.55 -6.67
C LEU A 57 21.43 15.27 -7.21
N SER A 58 21.19 16.49 -6.75
CA SER A 58 20.04 17.30 -7.21
C SER A 58 20.23 17.70 -8.69
N GLU A 59 21.42 18.20 -9.01
CA GLU A 59 21.85 18.55 -10.36
C GLU A 59 21.68 17.41 -11.39
N ALA A 60 22.06 16.19 -10.99
CA ALA A 60 21.99 15.04 -11.87
C ALA A 60 20.57 14.83 -12.41
N THR A 61 19.53 15.14 -11.61
CA THR A 61 18.13 15.02 -12.09
C THR A 61 17.92 15.89 -13.34
N GLY A 62 18.57 17.04 -13.36
CA GLY A 62 18.46 17.95 -14.49
C GLY A 62 19.28 17.47 -15.66
N LEU A 63 20.37 16.77 -15.37
CA LEU A 63 21.19 16.17 -16.43
C LEU A 63 20.43 15.06 -17.13
N PHE A 64 19.62 14.30 -16.36
CA PHE A 64 18.78 13.25 -16.92
C PHE A 64 17.75 13.84 -17.90
N CYS A 65 17.15 14.97 -17.52
CA CYS A 65 16.24 15.70 -18.41
C CYS A 65 16.92 16.10 -19.72
N LEU A 66 18.16 16.59 -19.59
CA LEU A 66 18.93 17.08 -20.71
C LEU A 66 19.40 15.94 -21.62
N MET A 67 19.63 14.78 -21.02
CA MET A 67 19.94 13.54 -21.75
C MET A 67 18.79 13.23 -22.74
N VAL A 68 17.56 13.32 -22.23
CA VAL A 68 16.39 13.06 -23.06
C VAL A 68 16.29 14.14 -24.11
N SER A 69 16.52 15.38 -23.68
CA SER A 69 16.53 16.50 -24.60
C SER A 69 17.44 16.28 -25.80
N PHE A 70 18.68 15.87 -25.52
CA PHE A 70 19.68 15.75 -26.56
C PHE A 70 19.48 14.50 -27.43
N LEU A 71 18.91 13.45 -26.83
CA LEU A 71 18.44 12.28 -27.58
C LEU A 71 17.42 12.66 -28.67
N LEU A 72 16.45 13.49 -28.30
CA LEU A 72 15.39 13.90 -29.22
C LEU A 72 15.88 14.87 -30.28
N LEU A 73 16.90 15.66 -29.93
CA LEU A 73 17.46 16.63 -30.87
C LEU A 73 18.44 16.04 -31.90
N PHE A 74 19.19 15.01 -31.50
CA PHE A 74 20.29 14.50 -32.33
C PHE A 74 20.16 13.02 -32.70
N FME B 1 1.44 5.06 -38.37
CN FME B 1 0.31 5.65 -37.95
O1 FME B 1 0.31 6.42 -36.99
CA FME B 1 2.64 4.97 -37.55
CB FME B 1 3.62 3.96 -38.14
C FME B 1 3.33 6.29 -37.39
O FME B 1 3.87 6.54 -36.29
N GLN B 2 3.27 7.35 -38.34
CA GLN B 2 3.97 8.65 -38.15
C GLN B 2 3.41 9.33 -36.92
N LEU B 3 2.10 9.29 -36.76
CA LEU B 3 1.42 9.93 -35.63
C LEU B 3 1.76 9.28 -34.29
N VAL B 4 1.83 7.95 -34.28
CA VAL B 4 2.16 7.18 -33.08
C VAL B 4 3.61 7.42 -32.64
N LEU B 5 4.53 7.45 -33.60
CA LEU B 5 5.94 7.73 -33.32
CA LEU B 5 5.94 7.74 -33.35
C LEU B 5 6.09 9.14 -32.75
N ALA B 6 5.41 10.10 -33.38
CA ALA B 6 5.38 11.48 -32.90
C ALA B 6 4.92 11.54 -31.44
N ALA B 7 3.88 10.77 -31.14
CA ALA B 7 3.30 10.73 -29.81
C ALA B 7 4.26 10.14 -28.78
N LYS B 8 5.07 9.17 -29.20
CA LYS B 8 6.09 8.57 -28.35
C LYS B 8 7.16 9.60 -27.95
N TYR B 9 7.50 10.47 -28.88
CA TYR B 9 8.55 11.45 -28.66
C TYR B 9 8.12 12.62 -27.79
N ILE B 10 6.89 13.09 -28.00
CA ILE B 10 6.31 14.11 -27.13
C ILE B 10 6.07 13.56 -25.72
N GLY B 11 5.46 12.37 -25.63
CA GLY B 11 5.30 11.66 -24.37
C GLY B 11 6.61 11.47 -23.61
N ALA B 12 7.69 11.16 -24.34
CA ALA B 12 9.00 10.98 -23.70
C ALA B 12 9.46 12.27 -23.02
N GLY B 13 9.30 13.40 -23.70
CA GLY B 13 9.64 14.71 -23.12
C GLY B 13 8.78 15.06 -21.92
N ILE B 14 7.47 14.82 -22.04
CA ILE B 14 6.53 15.08 -20.95
C ILE B 14 6.88 14.26 -19.70
N SER B 15 7.37 13.03 -19.92
CA SER B 15 7.71 12.10 -18.85
CA SER B 15 7.66 12.14 -18.80
CA SER B 15 7.74 12.10 -18.86
C SER B 15 8.94 12.52 -18.03
N THR B 16 9.65 13.55 -18.47
CA THR B 16 10.81 14.02 -17.69
C THR B 16 10.44 15.12 -16.71
N ILE B 17 9.25 15.72 -16.89
CA ILE B 17 8.80 16.82 -16.03
C ILE B 17 8.90 16.42 -14.56
N GLY B 18 8.39 15.23 -14.22
CA GLY B 18 8.33 14.77 -12.84
C GLY B 18 9.67 14.67 -12.12
N LEU B 19 10.76 14.69 -12.88
CA LEU B 19 12.11 14.68 -12.31
C LEU B 19 12.42 15.93 -11.46
N LEU B 20 11.73 17.03 -11.73
CA LEU B 20 11.87 18.24 -10.90
C LEU B 20 11.54 17.94 -9.42
N GLY B 21 10.69 16.93 -9.19
CA GLY B 21 10.31 16.51 -7.83
C GLY B 21 11.47 15.93 -7.03
N ALA B 22 12.20 15.01 -7.65
CA ALA B 22 13.46 14.50 -7.09
C ALA B 22 14.52 15.60 -7.00
N GLY B 23 14.60 16.47 -8.01
CA GLY B 23 15.55 17.60 -7.95
C GLY B 23 15.40 18.45 -6.68
N ILE B 24 14.15 18.82 -6.38
CA ILE B 24 13.84 19.61 -5.20
C ILE B 24 13.97 18.74 -3.95
N GLY B 25 13.39 17.53 -4.03
CA GLY B 25 13.31 16.66 -2.87
C GLY B 25 14.67 16.29 -2.33
N ILE B 26 15.56 15.84 -3.22
CA ILE B 26 16.91 15.47 -2.82
C ILE B 26 17.56 16.65 -2.10
N ALA B 27 17.36 17.85 -2.63
CA ALA B 27 17.91 19.04 -2.00
C ALA B 27 17.33 19.29 -0.62
N ILE B 28 16.02 19.12 -0.48
CA ILE B 28 15.33 19.26 0.82
C ILE B 28 15.97 18.35 1.89
N VAL B 29 16.24 17.10 1.53
CA VAL B 29 16.82 16.14 2.47
C VAL B 29 18.23 16.60 2.88
N PHE B 30 19.07 16.93 1.89
CA PHE B 30 20.44 17.33 2.21
C PHE B 30 20.50 18.65 2.98
N ALA B 31 19.54 19.54 2.71
CA ALA B 31 19.41 20.79 3.46
C ALA B 31 19.17 20.53 4.96
N ALA B 32 18.27 19.59 5.26
CA ALA B 32 18.00 19.18 6.63
C ALA B 32 19.22 18.52 7.30
N LEU B 33 19.93 17.69 6.53
CA LEU B 33 21.15 17.06 7.03
C LEU B 33 22.16 18.14 7.46
N ILE B 34 22.33 19.14 6.60
CA ILE B 34 23.26 20.23 6.85
C ILE B 34 22.82 21.10 8.04
N ASN B 35 21.54 21.48 8.07
CA ASN B 35 21.08 22.30 9.18
CA ASN B 35 20.98 22.27 9.17
C ASN B 35 21.07 21.49 10.48
N GLY B 36 20.76 20.20 10.40
CA GLY B 36 20.80 19.31 11.58
C GLY B 36 22.17 19.11 12.20
N VAL B 37 23.18 18.94 11.34
CA VAL B 37 24.56 18.79 11.82
C VAL B 37 25.12 20.14 12.32
N SER B 38 24.78 21.26 11.69
CA SER B 38 25.24 22.55 12.14
CA SER B 38 25.23 22.56 12.14
CA SER B 38 25.23 22.57 12.15
C SER B 38 24.74 22.85 13.56
N ARG B 39 23.47 22.52 13.84
CA ARG B 39 22.88 22.73 15.18
C ARG B 39 23.35 21.70 16.20
N ASN B 40 23.66 20.49 15.75
CA ASN B 40 24.10 19.40 16.64
C ASN B 40 25.16 18.52 15.97
N PRO B 41 26.43 18.98 15.92
CA PRO B 41 27.51 18.22 15.29
C PRO B 41 27.56 16.75 15.72
N SER B 42 27.30 16.45 16.99
CA SER B 42 27.41 15.06 17.48
C SER B 42 26.37 14.09 16.89
N ILE B 43 25.33 14.59 16.23
CA ILE B 43 24.28 13.73 15.66
C ILE B 43 24.62 13.22 14.24
N LYS B 44 25.69 13.74 13.66
CA LYS B 44 26.07 13.44 12.26
C LYS B 44 25.96 11.94 11.88
N ASP B 45 26.64 11.06 12.62
CA ASP B 45 26.62 9.64 12.27
C ASP B 45 25.22 9.03 12.39
N THR B 46 24.33 9.66 13.14
CA THR B 46 22.93 9.18 13.22
C THR B 46 22.09 9.66 12.02
N VAL B 47 22.20 10.94 11.70
CA VAL B 47 21.33 11.50 10.66
C VAL B 47 21.84 11.26 9.24
N PHE B 48 23.15 11.01 9.09
CA PHE B 48 23.70 10.79 7.74
C PHE B 48 23.06 9.59 7.02
N PRO B 49 22.97 8.40 7.68
CA PRO B 49 22.27 7.30 6.98
C PRO B 49 20.79 7.58 6.69
N MET B 50 20.15 8.44 7.50
CA MET B 50 18.75 8.81 7.29
C MET B 50 18.60 9.65 6.04
N ALA B 51 19.56 10.56 5.83
CA ALA B 51 19.60 11.38 4.63
C ALA B 51 19.85 10.53 3.37
N ILE B 52 20.71 9.53 3.49
CA ILE B 52 20.95 8.63 2.36
C ILE B 52 19.65 7.90 2.00
N LEU B 53 18.96 7.34 3.00
CA LEU B 53 17.69 6.65 2.76
C LEU B 53 16.66 7.59 2.11
N GLY B 54 16.59 8.83 2.64
CA GLY B 54 15.66 9.85 2.16
C GLY B 54 15.92 10.26 0.72
N PHE B 55 17.19 10.47 0.40
CA PHE B 55 17.66 10.72 -0.96
C PHE B 55 17.18 9.59 -1.88
N ALA B 56 17.43 8.34 -1.47
CA ALA B 56 17.17 7.21 -2.34
C ALA B 56 15.67 7.07 -2.69
N LEU B 57 14.82 7.22 -1.68
CA LEU B 57 13.38 7.12 -1.87
C LEU B 57 12.82 8.27 -2.72
N SER B 58 13.34 9.48 -2.53
CA SER B 58 12.95 10.63 -3.39
C SER B 58 13.42 10.44 -4.84
N GLU B 59 14.69 10.04 -4.97
CA GLU B 59 15.29 9.68 -6.25
C GLU B 59 14.48 8.63 -7.02
N ALA B 60 13.99 7.61 -6.31
CA ALA B 60 13.20 6.58 -6.97
C ALA B 60 12.02 7.16 -7.78
N THR B 61 11.37 8.24 -7.30
CA THR B 61 10.24 8.84 -8.04
C THR B 61 10.70 9.34 -9.41
N GLY B 62 11.91 9.89 -9.45
CA GLY B 62 12.52 10.32 -10.72
C GLY B 62 12.90 9.14 -11.60
N LEU B 63 13.38 8.07 -10.96
CA LEU B 63 13.68 6.85 -11.69
C LEU B 63 12.43 6.33 -12.43
N PHE B 64 11.27 6.30 -11.75
CA PHE B 64 10.02 5.90 -12.40
C PHE B 64 9.62 6.77 -13.58
N CYS B 65 9.81 8.09 -13.47
CA CYS B 65 9.58 9.03 -14.57
C CYS B 65 10.48 8.72 -15.77
N LEU B 66 11.77 8.57 -15.50
CA LEU B 66 12.75 8.32 -16.56
C LEU B 66 12.52 6.95 -17.24
N MET B 67 12.11 5.96 -16.46
CA MET B 67 11.78 4.64 -16.99
C MET B 67 10.65 4.73 -18.03
N VAL B 68 9.59 5.47 -17.70
CA VAL B 68 8.49 5.66 -18.65
C VAL B 68 9.02 6.39 -19.89
N SER B 69 9.84 7.41 -19.65
CA SER B 69 10.47 8.18 -20.72
C SER B 69 11.26 7.26 -21.66
N PHE B 70 12.05 6.34 -21.09
CA PHE B 70 12.87 5.47 -21.92
C PHE B 70 12.07 4.37 -22.61
N LEU B 71 10.99 3.92 -21.95
CA LEU B 71 10.06 2.97 -22.57
C LEU B 71 9.37 3.58 -23.79
N LEU B 72 9.05 4.87 -23.72
CA LEU B 72 8.44 5.58 -24.84
C LEU B 72 9.44 5.84 -25.95
N LEU B 73 10.67 6.18 -25.58
CA LEU B 73 11.75 6.40 -26.56
C LEU B 73 12.18 5.14 -27.30
N PHE B 74 12.25 4.02 -26.58
CA PHE B 74 12.93 2.82 -27.09
C PHE B 74 12.13 1.52 -27.03
N GLY B 75 11.23 1.41 -26.06
CA GLY B 75 10.66 0.12 -25.68
C GLY B 75 9.33 -0.17 -26.35
N FME C 1 -7.25 3.65 -35.02
CN FME C 1 -8.09 4.55 -34.49
O1 FME C 1 -7.66 5.47 -33.80
CA FME C 1 -6.28 2.91 -34.23
CB FME C 1 -5.91 1.64 -34.98
CG FME C 1 -4.94 0.74 -34.23
C FME C 1 -5.06 3.75 -33.95
O FME C 1 -4.63 3.87 -32.78
N GLN C 2 -4.44 4.46 -35.02
CA GLN C 2 -3.27 5.38 -34.88
C GLN C 2 -3.55 6.48 -33.85
N LEU C 3 -4.76 7.03 -33.89
CA LEU C 3 -5.12 8.14 -33.01
C LEU C 3 -5.25 7.69 -31.54
N VAL C 4 -5.87 6.53 -31.33
CA VAL C 4 -6.05 5.98 -29.98
C VAL C 4 -4.68 5.64 -29.35
N LEU C 5 -3.84 4.95 -30.12
CA LEU C 5 -2.48 4.58 -29.68
C LEU C 5 -1.64 5.80 -29.28
N ALA C 6 -1.67 6.83 -30.13
CA ALA C 6 -0.95 8.08 -29.88
C ALA C 6 -1.44 8.75 -28.60
N ALA C 7 -2.74 8.75 -28.42
CA ALA C 7 -3.35 9.27 -27.20
C ALA C 7 -2.91 8.50 -25.94
N LYS C 8 -2.78 7.18 -26.07
CA LYS C 8 -2.34 6.34 -24.94
C LYS C 8 -0.93 6.72 -24.51
N TYR C 9 -0.07 6.95 -25.50
CA TYR C 9 1.34 7.23 -25.21
C TYR C 9 1.54 8.65 -24.66
N ILE C 10 0.78 9.60 -25.20
CA ILE C 10 0.81 10.97 -24.68
C ILE C 10 0.30 10.95 -23.23
N GLY C 11 -0.86 10.32 -23.01
CA GLY C 11 -1.43 10.17 -21.67
C GLY C 11 -0.50 9.50 -20.69
N ALA C 12 0.19 8.45 -21.14
CA ALA C 12 1.17 7.75 -20.28
C ALA C 12 2.27 8.70 -19.75
N GLY C 13 2.77 9.57 -20.63
CA GLY C 13 3.75 10.58 -20.23
C GLY C 13 3.19 11.60 -19.27
N ILE C 14 1.97 12.06 -19.56
CA ILE C 14 1.29 13.04 -18.71
C ILE C 14 1.11 12.47 -17.29
N SER C 15 0.80 11.16 -17.22
CA SER C 15 0.53 10.43 -15.97
CA SER C 15 0.49 10.54 -15.93
CA SER C 15 0.51 10.46 -15.96
C SER C 15 1.69 10.39 -15.00
N THR C 16 2.90 10.61 -15.49
CA THR C 16 4.06 10.61 -14.59
C THR C 16 4.29 11.95 -13.87
N ILE C 17 3.61 13.01 -14.30
CA ILE C 17 3.81 14.35 -13.72
C ILE C 17 3.55 14.37 -12.23
N GLY C 18 2.47 13.73 -11.80
CA GLY C 18 2.08 13.72 -10.40
C GLY C 18 3.12 13.11 -9.48
N LEU C 19 4.02 12.29 -10.04
CA LEU C 19 5.13 11.68 -9.29
C LEU C 19 6.01 12.71 -8.61
N LEU C 20 6.02 13.94 -9.13
CA LEU C 20 6.78 15.04 -8.52
C LEU C 20 6.29 15.31 -7.10
N GLY C 21 5.00 15.00 -6.83
CA GLY C 21 4.42 15.18 -5.50
C GLY C 21 5.06 14.30 -4.45
N ALA C 22 5.20 13.02 -4.78
CA ALA C 22 5.88 12.04 -3.91
C ALA C 22 7.37 12.37 -3.82
N GLY C 23 7.97 12.83 -4.91
CA GLY C 23 9.39 13.20 -4.89
C GLY C 23 9.66 14.28 -3.85
N ILE C 24 8.79 15.29 -3.82
CA ILE C 24 8.93 16.39 -2.87
C ILE C 24 8.46 15.93 -1.48
N GLY C 25 7.32 15.24 -1.44
CA GLY C 25 6.74 14.83 -0.16
C GLY C 25 7.61 13.86 0.61
N ILE C 26 8.17 12.83 -0.05
CA ILE C 26 9.07 11.91 0.65
C ILE C 26 10.17 12.70 1.33
N ALA C 27 10.76 13.64 0.59
CA ALA C 27 11.84 14.46 1.11
C ALA C 27 11.42 15.34 2.31
N ILE C 28 10.22 15.91 2.25
CA ILE C 28 9.69 16.73 3.35
C ILE C 28 9.65 15.92 4.66
N VAL C 29 9.23 14.66 4.56
CA VAL C 29 9.15 13.76 5.71
C VAL C 29 10.54 13.47 6.30
N PHE C 30 11.48 13.13 5.41
CA PHE C 30 12.82 12.79 5.88
C PHE C 30 13.53 14.03 6.41
N ALA C 31 13.24 15.22 5.86
CA ALA C 31 13.78 16.47 6.41
C ALA C 31 13.34 16.64 7.86
N ALA C 32 12.06 16.40 8.14
CA ALA C 32 11.52 16.52 9.49
C ALA C 32 12.13 15.49 10.43
N LEU C 33 12.28 14.27 9.94
CA LEU C 33 12.95 13.23 10.71
C LEU C 33 14.35 13.68 11.13
N ILE C 34 15.12 14.17 10.16
CA ILE C 34 16.47 14.62 10.45
C ILE C 34 16.50 15.81 11.42
N ASN C 35 15.67 16.83 11.18
CA ASN C 35 15.67 17.99 12.08
CA ASN C 35 15.57 18.01 12.06
C ASN C 35 15.14 17.60 13.46
N GLY C 36 14.16 16.70 13.51
CA GLY C 36 13.63 16.24 14.78
C GLY C 36 14.63 15.48 15.62
N VAL C 37 15.38 14.60 14.96
CA VAL C 37 16.42 13.83 15.64
C VAL C 37 17.60 14.73 16.08
N SER C 38 17.96 15.71 15.25
CA SER C 38 19.05 16.64 15.61
CA SER C 38 19.05 16.63 15.62
CA SER C 38 19.05 16.63 15.62
C SER C 38 18.71 17.44 16.88
N ARG C 39 17.45 17.89 16.97
CA ARG C 39 16.99 18.71 18.10
C ARG C 39 16.80 17.87 19.36
N ASN C 40 16.44 16.60 19.21
CA ASN C 40 16.11 15.72 20.32
C ASN C 40 16.51 14.28 19.95
N PRO C 41 17.82 13.95 20.07
CA PRO C 41 18.27 12.60 19.69
C PRO C 41 17.50 11.47 20.35
N SER C 42 17.06 11.66 21.59
CA SER C 42 16.35 10.61 22.33
C SER C 42 15.00 10.24 21.70
N ILE C 43 14.47 11.07 20.80
CA ILE C 43 13.14 10.77 20.20
C ILE C 43 13.25 9.87 18.96
N LYS C 44 14.47 9.54 18.54
CA LYS C 44 14.70 8.79 17.29
C LYS C 44 13.78 7.57 17.08
N ASP C 45 13.77 6.65 18.05
CA ASP C 45 12.96 5.43 17.95
C ASP C 45 11.46 5.73 17.84
N THR C 46 11.00 6.86 18.39
CA THR C 46 9.57 7.24 18.29
C THR C 46 9.24 7.80 16.90
N VAL C 47 10.10 8.68 16.39
CA VAL C 47 9.75 9.37 15.15
C VAL C 47 10.15 8.62 13.87
N PHE C 48 11.15 7.74 13.97
CA PHE C 48 11.55 6.98 12.78
C PHE C 48 10.35 6.21 12.17
N PRO C 49 9.60 5.46 12.98
CA PRO C 49 8.43 4.79 12.35
C PRO C 49 7.37 5.74 11.77
N MET C 50 7.24 6.95 12.33
CA MET C 50 6.35 7.97 11.76
C MET C 50 6.82 8.45 10.39
N ALA C 51 8.15 8.45 10.19
CA ALA C 51 8.72 8.85 8.91
C ALA C 51 8.51 7.75 7.87
N ILE C 52 8.64 6.50 8.30
CA ILE C 52 8.37 5.39 7.38
C ILE C 52 6.91 5.40 6.91
N LEU C 53 5.98 5.60 7.84
CA LEU C 53 4.55 5.68 7.54
C LEU C 53 4.31 6.85 6.58
N GLY C 54 4.86 8.01 6.91
CA GLY C 54 4.64 9.24 6.12
C GLY C 54 5.16 9.08 4.70
N PHE C 55 6.38 8.53 4.59
CA PHE C 55 6.98 8.28 3.28
C PHE C 55 6.10 7.31 2.46
N ALA C 56 5.62 6.24 3.10
CA ALA C 56 4.86 5.21 2.38
C ALA C 56 3.56 5.76 1.83
N LEU C 57 2.85 6.54 2.66
CA LEU C 57 1.59 7.16 2.28
C LEU C 57 1.77 8.19 1.17
N SER C 58 2.84 9.00 1.27
CA SER C 58 3.19 9.98 0.22
C SER C 58 3.53 9.25 -1.10
N GLU C 59 4.36 8.22 -0.98
CA GLU C 59 4.76 7.37 -2.09
C GLU C 59 3.58 6.76 -2.84
N ALA C 60 2.55 6.36 -2.10
CA ALA C 60 1.39 5.70 -2.69
C ALA C 60 0.72 6.59 -3.74
N THR C 61 0.69 7.91 -3.50
CA THR C 61 0.10 8.85 -4.47
C THR C 61 0.85 8.79 -5.80
N GLY C 62 2.17 8.62 -5.74
CA GLY C 62 2.99 8.46 -6.94
C GLY C 62 2.73 7.12 -7.62
N LEU C 63 2.59 6.06 -6.81
CA LEU C 63 2.22 4.73 -7.29
C LEU C 63 0.90 4.74 -8.07
N PHE C 64 -0.10 5.47 -7.57
CA PHE C 64 -1.35 5.65 -8.30
C PHE C 64 -1.15 6.29 -9.68
N CYS C 65 -0.26 7.29 -9.76
CA CYS C 65 0.08 7.92 -11.05
C CYS C 65 0.74 6.95 -12.03
N LEU C 66 1.72 6.23 -11.52
CA LEU C 66 2.44 5.22 -12.28
C LEU C 66 1.50 4.08 -12.73
N MET C 67 0.56 3.69 -11.88
CA MET C 67 -0.45 2.67 -12.24
C MET C 67 -1.22 3.10 -13.49
N VAL C 68 -1.72 4.35 -13.48
CA VAL C 68 -2.48 4.87 -14.64
C VAL C 68 -1.57 4.90 -15.87
N SER C 69 -0.34 5.34 -15.65
CA SER C 69 0.68 5.36 -16.71
C SER C 69 0.82 4.00 -17.37
N PHE C 70 0.98 2.95 -16.56
CA PHE C 70 1.17 1.60 -17.07
C PHE C 70 -0.09 1.01 -17.71
N LEU C 71 -1.26 1.36 -17.18
CA LEU C 71 -2.53 0.96 -17.79
C LEU C 71 -2.66 1.51 -19.21
N LEU C 72 -2.25 2.75 -19.41
CA LEU C 72 -2.24 3.39 -20.74
C LEU C 72 -1.19 2.77 -21.67
N LEU C 73 0.02 2.56 -21.15
CA LEU C 73 1.12 2.00 -21.95
C LEU C 73 0.87 0.58 -22.43
N PHE C 74 0.12 -0.20 -21.65
CA PHE C 74 0.01 -1.62 -21.92
C PHE C 74 -1.43 -2.13 -21.97
N GLY C 75 -2.22 -1.80 -20.95
CA GLY C 75 -3.61 -2.26 -20.85
C GLY C 75 -4.57 -1.64 -21.85
N FME D 1 -15.53 7.93 -33.29
CN FME D 1 -15.54 9.27 -33.42
O1 FME D 1 -14.91 10.01 -32.66
CA FME D 1 -15.37 7.25 -32.01
CB FME D 1 -15.87 5.81 -32.09
C FME D 1 -13.94 7.26 -31.53
O FME D 1 -13.72 7.40 -30.31
N GLN D 2 -12.99 7.16 -32.60
CA GLN D 2 -11.52 7.16 -32.30
C GLN D 2 -11.11 8.43 -31.57
N LEU D 3 -11.67 9.56 -31.98
CA LEU D 3 -11.33 10.85 -31.37
C LEU D 3 -11.83 10.94 -29.92
N VAL D 4 -13.03 10.43 -29.66
CA VAL D 4 -13.59 10.40 -28.31
C VAL D 4 -12.74 9.50 -27.38
N LEU D 5 -12.38 8.33 -27.87
CA LEU D 5 -11.58 7.38 -27.11
C LEU D 5 -10.19 7.94 -26.83
N ALA D 6 -9.63 8.65 -27.82
CA ALA D 6 -8.34 9.33 -27.66
C ALA D 6 -8.39 10.36 -26.52
N ALA D 7 -9.45 11.17 -26.54
CA ALA D 7 -9.72 12.17 -25.51
C ALA D 7 -9.85 11.55 -24.11
N LYS D 8 -10.49 10.39 -24.02
CA LYS D 8 -10.63 9.68 -22.74
C LYS D 8 -9.27 9.35 -22.15
N TYR D 9 -8.36 8.88 -22.99
CA TYR D 9 -7.04 8.44 -22.54
C TYR D 9 -6.13 9.61 -22.19
N ILE D 10 -6.16 10.66 -23.00
CA ILE D 10 -5.45 11.90 -22.69
C ILE D 10 -6.00 12.48 -21.38
N GLY D 11 -7.32 12.53 -21.25
CA GLY D 11 -7.97 13.05 -20.05
C GLY D 11 -7.66 12.25 -18.80
N ALA D 12 -7.61 10.91 -18.92
CA ALA D 12 -7.21 10.03 -17.83
C ALA D 12 -5.82 10.35 -17.28
N GLY D 13 -4.88 10.60 -18.19
CA GLY D 13 -3.52 11.00 -17.81
C GLY D 13 -3.49 12.34 -17.09
N ILE D 14 -4.14 13.35 -17.68
CA ILE D 14 -4.25 14.69 -17.09
C ILE D 14 -4.87 14.65 -15.68
N SER D 15 -5.84 13.74 -15.49
CA SER D 15 -6.57 13.58 -14.22
CA SER D 15 -6.53 13.69 -14.20
CA SER D 15 -6.56 13.62 -14.22
C SER D 15 -5.70 13.09 -13.07
N THR D 16 -4.47 12.68 -13.35
CA THR D 16 -3.59 12.23 -12.25
C THR D 16 -2.67 13.33 -11.73
N ILE D 17 -2.57 14.43 -12.49
CA ILE D 17 -1.71 15.54 -12.08
C ILE D 17 -2.04 16.00 -10.64
N GLY D 18 -3.33 16.12 -10.32
CA GLY D 18 -3.75 16.67 -9.02
C GLY D 18 -3.30 15.84 -7.83
N LEU D 19 -2.88 14.58 -8.09
CA LEU D 19 -2.33 13.70 -7.06
C LEU D 19 -1.03 14.22 -6.44
N LEU D 20 -0.34 15.12 -7.13
CA LEU D 20 0.88 15.71 -6.58
C LEU D 20 0.53 16.49 -5.31
N GLY D 21 -0.72 16.98 -5.24
CA GLY D 21 -1.21 17.74 -4.08
C GLY D 21 -1.30 16.91 -2.81
N ALA D 22 -1.84 15.70 -2.93
CA ALA D 22 -1.86 14.75 -1.80
C ALA D 22 -0.46 14.27 -1.50
N GLY D 23 0.34 14.05 -2.54
CA GLY D 23 1.74 13.64 -2.31
C GLY D 23 2.49 14.60 -1.39
N ILE D 24 2.37 15.89 -1.68
CA ILE D 24 2.97 16.94 -0.85
C ILE D 24 2.22 17.12 0.49
N GLY D 25 0.89 17.14 0.44
CA GLY D 25 0.10 17.38 1.64
C GLY D 25 0.30 16.33 2.71
N ILE D 26 0.20 15.06 2.33
CA ILE D 26 0.43 13.94 3.25
C ILE D 26 1.76 14.10 4.00
N ALA D 27 2.79 14.47 3.24
CA ALA D 27 4.11 14.69 3.81
C ALA D 27 4.13 15.89 4.74
N ILE D 28 3.45 16.96 4.35
CA ILE D 28 3.36 18.17 5.22
C ILE D 28 2.80 17.79 6.60
N VAL D 29 1.75 16.96 6.61
CA VAL D 29 1.11 16.54 7.86
C VAL D 29 2.10 15.73 8.72
N PHE D 30 2.76 14.76 8.11
CA PHE D 30 3.66 13.89 8.86
C PHE D 30 4.91 14.62 9.34
N ALA D 31 5.34 15.63 8.58
CA ALA D 31 6.47 16.48 9.00
C ALA D 31 6.11 17.22 10.29
N ALA D 32 4.87 17.72 10.36
CA ALA D 32 4.42 18.43 11.55
C ALA D 32 4.28 17.48 12.74
N LEU D 33 3.77 16.27 12.49
CA LEU D 33 3.71 15.23 13.53
C LEU D 33 5.11 14.95 14.11
N ILE D 34 6.08 14.73 13.22
CA ILE D 34 7.44 14.47 13.64
C ILE D 34 8.03 15.65 14.40
N ASN D 35 7.93 16.86 13.85
CA ASN D 35 8.47 18.01 14.55
CA ASN D 35 8.41 18.09 14.51
C ASN D 35 7.75 18.29 15.88
N GLY D 36 6.44 18.13 15.90
CA GLY D 36 5.70 18.33 17.15
C GLY D 36 6.04 17.32 18.22
N VAL D 37 6.16 16.05 17.84
CA VAL D 37 6.58 15.03 18.79
C VAL D 37 8.05 15.22 19.26
N SER D 38 8.95 15.64 18.37
CA SER D 38 10.34 15.86 18.76
CA SER D 38 10.34 15.86 18.75
CA SER D 38 10.34 15.86 18.76
C SER D 38 10.47 16.98 19.80
N ARG D 39 9.68 18.05 19.63
CA ARG D 39 9.72 19.18 20.55
C ARG D 39 9.02 18.87 21.88
N ASN D 40 7.99 18.02 21.81
CA ASN D 40 7.15 17.73 23.00
C ASN D 40 6.70 16.28 22.95
N PRO D 41 7.60 15.33 23.33
CA PRO D 41 7.23 13.91 23.25
C PRO D 41 5.89 13.55 23.93
N SER D 42 5.56 14.22 25.03
CA SER D 42 4.34 13.89 25.79
C SER D 42 3.05 14.14 25.02
N ILE D 43 3.12 14.88 23.90
CA ILE D 43 1.90 15.22 23.18
C ILE D 43 1.51 14.19 22.11
N LYS D 44 2.37 13.18 21.90
CA LYS D 44 2.19 12.20 20.82
C LYS D 44 0.78 11.58 20.68
N ASP D 45 0.21 11.07 21.77
CA ASP D 45 -1.10 10.40 21.71
C ASP D 45 -2.24 11.36 21.32
N THR D 46 -2.03 12.66 21.59
CA THR D 46 -2.97 13.72 21.24
C THR D 46 -2.89 14.08 19.74
N VAL D 47 -1.67 14.26 19.23
CA VAL D 47 -1.50 14.72 17.85
C VAL D 47 -1.54 13.61 16.79
N PHE D 48 -1.15 12.38 17.17
CA PHE D 48 -1.18 11.28 16.22
C PHE D 48 -2.54 11.08 15.51
N PRO D 49 -3.67 11.05 16.28
CA PRO D 49 -5.00 10.96 15.63
C PRO D 49 -5.32 12.18 14.78
N MET D 50 -4.77 13.34 15.10
CA MET D 50 -4.94 14.53 14.26
C MET D 50 -4.20 14.37 12.91
N ALA D 51 -3.01 13.76 12.97
CA ALA D 51 -2.23 13.51 11.77
C ALA D 51 -2.93 12.48 10.87
N ILE D 52 -3.52 11.46 11.47
CA ILE D 52 -4.27 10.47 10.71
C ILE D 52 -5.47 11.12 10.00
N LEU D 53 -6.23 11.94 10.73
CA LEU D 53 -7.33 12.69 10.14
C LEU D 53 -6.83 13.59 9.01
N GLY D 54 -5.78 14.36 9.29
CA GLY D 54 -5.16 15.27 8.33
C GLY D 54 -4.71 14.58 7.06
N PHE D 55 -3.94 13.49 7.19
CA PHE D 55 -3.48 12.77 6.00
C PHE D 55 -4.65 12.18 5.18
N ALA D 56 -5.64 11.59 5.85
CA ALA D 56 -6.77 10.97 5.15
C ALA D 56 -7.56 11.98 4.32
N LEU D 57 -7.80 13.16 4.90
CA LEU D 57 -8.50 14.23 4.19
C LEU D 57 -7.69 14.81 3.01
N SER D 58 -6.38 14.95 3.16
CA SER D 58 -5.51 15.40 2.06
C SER D 58 -5.50 14.35 0.94
N GLU D 59 -5.26 13.10 1.31
CA GLU D 59 -5.23 11.98 0.36
C GLU D 59 -6.51 11.88 -0.47
N ALA D 60 -7.66 12.06 0.19
CA ALA D 60 -8.95 11.91 -0.47
C ALA D 60 -9.06 12.83 -1.68
N THR D 61 -8.47 14.03 -1.61
CA THR D 61 -8.47 14.97 -2.75
C THR D 61 -7.83 14.33 -3.97
N GLY D 62 -6.70 13.66 -3.77
CA GLY D 62 -6.04 12.88 -4.82
C GLY D 62 -6.83 11.66 -5.28
N LEU D 63 -7.55 11.03 -4.36
CA LEU D 63 -8.43 9.90 -4.76
C LEU D 63 -9.59 10.34 -5.63
N PHE D 64 -10.10 11.57 -5.43
CA PHE D 64 -11.12 12.12 -6.32
C PHE D 64 -10.60 12.33 -7.74
N CYS D 65 -9.32 12.71 -7.84
CA CYS D 65 -8.61 12.80 -9.12
C CYS D 65 -8.52 11.44 -9.79
N LEU D 66 -8.03 10.46 -9.02
CA LEU D 66 -7.90 9.09 -9.47
C LEU D 66 -9.26 8.51 -9.93
N MET D 67 -10.32 8.84 -9.20
CA MET D 67 -11.68 8.41 -9.52
C MET D 67 -12.11 8.90 -10.91
N VAL D 68 -11.82 10.18 -11.20
CA VAL D 68 -12.08 10.76 -12.52
C VAL D 68 -11.21 10.10 -13.60
N SER D 69 -9.93 9.88 -13.28
CA SER D 69 -9.05 9.11 -14.16
C SER D 69 -9.64 7.72 -14.54
N PHE D 70 -10.10 6.97 -13.54
CA PHE D 70 -10.68 5.66 -13.81
C PHE D 70 -12.01 5.75 -14.61
N LEU D 71 -12.85 6.73 -14.27
CA LEU D 71 -14.09 6.94 -15.03
C LEU D 71 -13.81 7.14 -16.52
N LEU D 72 -12.76 7.89 -16.82
CA LEU D 72 -12.33 8.14 -18.19
C LEU D 72 -11.70 6.91 -18.83
N LEU D 73 -10.86 6.20 -18.07
CA LEU D 73 -10.24 4.96 -18.54
C LEU D 73 -11.21 3.83 -18.89
N PHE D 74 -12.30 3.71 -18.12
CA PHE D 74 -13.11 2.49 -18.12
C PHE D 74 -14.60 2.70 -18.38
N FME E 1 -19.72 16.09 -33.51
CN FME E 1 -19.11 17.27 -33.54
O1 FME E 1 -18.59 17.72 -32.53
CA FME E 1 -20.21 15.57 -32.23
CB FME E 1 -21.40 14.64 -32.46
CG FME E 1 -22.50 15.42 -33.17
C FME E 1 -19.12 14.86 -31.48
O FME E 1 -19.12 14.92 -30.23
N GLN E 2 -18.26 13.99 -32.20
CA GLN E 2 -16.92 13.47 -31.82
C GLN E 2 -16.10 14.54 -31.09
N LEU E 3 -16.06 15.73 -31.68
CA LEU E 3 -15.33 16.87 -31.15
C LEU E 3 -15.84 17.35 -29.78
N VAL E 4 -17.17 17.52 -29.67
CA VAL E 4 -17.80 18.03 -28.45
C VAL E 4 -17.63 17.06 -27.29
N LEU E 5 -17.94 15.78 -27.52
CA LEU E 5 -17.78 14.75 -26.49
C LEU E 5 -16.32 14.63 -26.08
N ALA E 6 -15.41 14.69 -27.05
CA ALA E 6 -13.98 14.63 -26.76
C ALA E 6 -13.52 15.80 -25.90
N ALA E 7 -14.06 16.99 -26.18
CA ALA E 7 -13.78 18.18 -25.39
C ALA E 7 -14.33 18.07 -23.96
N LYS E 8 -15.48 17.42 -23.81
CA LYS E 8 -16.04 17.20 -22.46
C LYS E 8 -15.11 16.34 -21.61
N TYR E 9 -14.50 15.33 -22.24
CA TYR E 9 -13.68 14.35 -21.50
C TYR E 9 -12.31 14.90 -21.14
N ILE E 10 -11.66 15.58 -22.08
CA ILE E 10 -10.40 16.28 -21.80
C ILE E 10 -10.63 17.40 -20.76
N GLY E 11 -11.71 18.17 -20.94
CA GLY E 11 -12.05 19.24 -19.99
C GLY E 11 -12.27 18.72 -18.57
N ALA E 12 -12.95 17.57 -18.47
CA ALA E 12 -13.19 16.92 -17.18
C ALA E 12 -11.88 16.52 -16.50
N GLY E 13 -10.94 15.98 -17.27
CA GLY E 13 -9.59 15.65 -16.75
C GLY E 13 -8.86 16.88 -16.24
N ILE E 14 -8.90 17.95 -17.02
CA ILE E 14 -8.20 19.20 -16.68
C ILE E 14 -8.79 19.82 -15.40
N SER E 15 -10.10 19.66 -15.23
CA SER E 15 -10.87 20.20 -14.11
CA SER E 15 -10.80 20.27 -14.10
CA SER E 15 -10.85 20.22 -14.12
C SER E 15 -10.47 19.64 -12.75
N THR E 16 -9.81 18.48 -12.75
CA THR E 16 -9.33 17.91 -11.47
C THR E 16 -7.99 18.48 -10.97
N ILE E 17 -7.27 19.19 -11.85
CA ILE E 17 -5.94 19.70 -11.50
C ILE E 17 -6.04 20.54 -10.23
N GLY E 18 -7.04 21.44 -10.21
CA GLY E 18 -7.19 22.39 -9.09
C GLY E 18 -7.31 21.73 -7.73
N LEU E 19 -7.67 20.45 -7.72
CA LEU E 19 -7.78 19.66 -6.48
C LEU E 19 -6.48 19.58 -5.70
N LEU E 20 -5.35 19.75 -6.40
CA LEU E 20 -4.05 19.76 -5.72
C LEU E 20 -4.00 20.87 -4.66
N GLY E 21 -4.70 21.99 -4.91
CA GLY E 21 -4.74 23.10 -3.95
C GLY E 21 -5.34 22.70 -2.60
N ALA E 22 -6.44 21.94 -2.64
CA ALA E 22 -7.06 21.45 -1.40
C ALA E 22 -6.21 20.36 -0.78
N GLY E 23 -5.59 19.53 -1.62
CA GLY E 23 -4.66 18.50 -1.10
C GLY E 23 -3.57 19.13 -0.23
N ILE E 24 -2.94 20.18 -0.76
CA ILE E 24 -1.90 20.92 -0.06
C ILE E 24 -2.45 21.75 1.09
N GLY E 25 -3.53 22.49 0.83
CA GLY E 25 -4.10 23.39 1.84
C GLY E 25 -4.63 22.67 3.09
N ILE E 26 -5.40 21.61 2.90
CA ILE E 26 -5.87 20.78 4.03
C ILE E 26 -4.69 20.35 4.91
N ALA E 27 -3.63 19.88 4.27
CA ALA E 27 -2.42 19.51 4.98
C ALA E 27 -1.76 20.66 5.78
N ILE E 28 -1.68 21.85 5.17
CA ILE E 28 -1.12 23.04 5.82
C ILE E 28 -1.92 23.35 7.11
N VAL E 29 -3.24 23.27 7.03
CA VAL E 29 -4.11 23.51 8.19
C VAL E 29 -3.80 22.50 9.32
N PHE E 30 -3.77 21.20 8.98
CA PHE E 30 -3.54 20.20 9.99
C PHE E 30 -2.15 20.26 10.57
N ALA E 31 -1.17 20.66 9.76
CA ALA E 31 0.21 20.86 10.22
C ALA E 31 0.22 21.93 11.30
N ALA E 32 -0.48 23.04 11.04
CA ALA E 32 -0.55 24.14 12.00
C ALA E 32 -1.24 23.70 13.28
N LEU E 33 -2.33 22.94 13.14
CA LEU E 33 -2.99 22.37 14.31
C LEU E 33 -2.03 21.56 15.16
N ILE E 34 -1.27 20.68 14.49
CA ILE E 34 -0.34 19.81 15.18
C ILE E 34 0.78 20.62 15.85
N ASN E 35 1.39 21.55 15.10
CA ASN E 35 2.47 22.35 15.68
CA ASN E 35 2.47 22.41 15.63
C ASN E 35 1.96 23.19 16.85
N GLY E 36 0.76 23.73 16.69
CA GLY E 36 0.12 24.55 17.73
C GLY E 36 -0.23 23.82 19.00
N VAL E 37 -0.81 22.63 18.89
CA VAL E 37 -1.07 21.80 20.06
C VAL E 37 0.23 21.32 20.72
N SER E 38 1.25 20.95 19.94
CA SER E 38 2.53 20.52 20.52
CA SER E 38 2.53 20.52 20.52
CA SER E 38 2.52 20.51 20.52
C SER E 38 3.18 21.63 21.35
N ARG E 39 3.13 22.86 20.84
CA ARG E 39 3.73 24.00 21.54
C ARG E 39 2.88 24.46 22.73
N ASN E 40 1.55 24.32 22.63
CA ASN E 40 0.63 24.75 23.69
C ASN E 40 -0.58 23.77 23.84
N PRO E 41 -0.36 22.61 24.47
CA PRO E 41 -1.41 21.58 24.65
C PRO E 41 -2.74 22.12 25.16
N SER E 42 -2.71 23.04 26.13
CA SER E 42 -3.95 23.62 26.66
C SER E 42 -4.80 24.37 25.60
N ILE E 43 -4.24 24.69 24.44
CA ILE E 43 -5.00 25.46 23.43
C ILE E 43 -5.81 24.55 22.50
N LYS E 44 -5.63 23.24 22.62
CA LYS E 44 -6.31 22.26 21.74
C LYS E 44 -7.81 22.53 21.46
N ASP E 45 -8.61 22.72 22.51
CA ASP E 45 -10.06 22.89 22.35
C ASP E 45 -10.40 24.19 21.61
N THR E 46 -9.49 25.16 21.63
CA THR E 46 -9.70 26.43 20.95
C THR E 46 -9.35 26.29 19.48
N VAL E 47 -8.22 25.68 19.16
CA VAL E 47 -7.76 25.66 17.76
C VAL E 47 -8.34 24.50 16.93
N PHE E 48 -8.78 23.43 17.56
CA PHE E 48 -9.33 22.31 16.79
C PHE E 48 -10.54 22.73 15.92
N PRO E 49 -11.53 23.45 16.51
CA PRO E 49 -12.62 23.91 15.64
C PRO E 49 -12.15 24.87 14.53
N MET E 50 -11.12 25.69 14.80
CA MET E 50 -10.54 26.55 13.75
C MET E 50 -9.95 25.72 12.60
N ALA E 51 -9.32 24.60 12.95
CA ALA E 51 -8.72 23.72 11.96
C ALA E 51 -9.81 23.03 11.12
N ILE E 52 -10.92 22.67 11.75
CA ILE E 52 -12.04 22.07 11.02
C ILE E 52 -12.64 23.06 10.03
N LEU E 53 -12.80 24.32 10.47
CA LEU E 53 -13.29 25.37 9.58
C LEU E 53 -12.33 25.62 8.39
N GLY E 54 -11.03 25.73 8.69
CA GLY E 54 -9.98 25.91 7.66
C GLY E 54 -9.99 24.80 6.63
N PHE E 55 -10.08 23.57 7.12
CA PHE E 55 -10.21 22.38 6.28
C PHE E 55 -11.41 22.48 5.33
N ALA E 56 -12.59 22.78 5.89
CA ALA E 56 -13.83 22.84 5.10
C ALA E 56 -13.80 23.93 4.01
N LEU E 57 -13.27 25.09 4.35
CA LEU E 57 -13.11 26.19 3.39
C LEU E 57 -12.12 25.84 2.27
N SER E 58 -10.97 25.27 2.62
CA SER E 58 -9.97 24.81 1.62
C SER E 58 -10.55 23.71 0.75
N GLU E 59 -11.14 22.72 1.41
CA GLU E 59 -11.87 21.63 0.77
C GLU E 59 -12.99 22.07 -0.21
N ALA E 60 -13.71 23.13 0.13
CA ALA E 60 -14.74 23.65 -0.76
C ALA E 60 -14.18 24.01 -2.14
N THR E 61 -12.91 24.46 -2.20
CA THR E 61 -12.29 24.80 -3.50
C THR E 61 -12.16 23.55 -4.37
N GLY E 62 -11.83 22.42 -3.74
CA GLY E 62 -11.74 21.14 -4.44
C GLY E 62 -13.10 20.64 -4.89
N LEU E 63 -14.12 20.88 -4.05
CA LEU E 63 -15.51 20.52 -4.39
C LEU E 63 -15.96 21.21 -5.67
N PHE E 64 -15.66 22.51 -5.79
CA PHE E 64 -16.00 23.27 -6.98
C PHE E 64 -15.32 22.74 -8.24
N CYS E 65 -14.04 22.39 -8.16
CA CYS E 65 -13.35 21.75 -9.30
C CYS E 65 -14.04 20.48 -9.72
N LEU E 66 -14.43 19.68 -8.73
CA LEU E 66 -15.02 18.38 -8.96
C LEU E 66 -16.43 18.51 -9.57
N MET E 67 -17.17 19.51 -9.08
CA MET E 67 -18.45 19.91 -9.65
C MET E 67 -18.35 20.23 -11.15
N VAL E 68 -17.37 21.05 -11.53
CA VAL E 68 -17.17 21.36 -12.95
C VAL E 68 -16.80 20.07 -13.69
N SER E 69 -15.94 19.25 -13.08
CA SER E 69 -15.51 17.98 -13.66
C SER E 69 -16.68 17.04 -13.94
N PHE E 70 -17.60 16.93 -12.98
CA PHE E 70 -18.76 16.04 -13.12
C PHE E 70 -19.80 16.60 -14.08
N LEU E 71 -19.93 17.93 -14.11
CA LEU E 71 -20.81 18.60 -15.07
C LEU E 71 -20.38 18.30 -16.50
N LEU E 72 -19.06 18.33 -16.74
CA LEU E 72 -18.49 17.97 -18.04
C LEU E 72 -18.64 16.50 -18.37
N LEU E 73 -18.48 15.63 -17.37
CA LEU E 73 -18.60 14.19 -17.57
C LEU E 73 -20.03 13.74 -17.83
N PHE E 74 -21.01 14.39 -17.22
CA PHE E 74 -22.39 13.88 -17.22
C PHE E 74 -23.41 14.91 -17.71
N FME F 1 -30.51 -22.45 -21.81
CN FME F 1 -29.24 -22.06 -21.95
O1 FME F 1 -28.38 -22.38 -21.13
CA FME F 1 -31.18 -22.35 -20.53
CB FME F 1 -32.69 -22.41 -20.72
C FME F 1 -30.75 -23.43 -19.58
O FME F 1 -30.54 -23.13 -18.38
N GLN F 2 -30.54 -24.80 -19.92
CA GLN F 2 -30.28 -25.95 -19.02
C GLN F 2 -28.92 -25.79 -18.33
N LEU F 3 -27.95 -25.28 -19.08
CA LEU F 3 -26.58 -25.11 -18.59
C LEU F 3 -26.48 -23.97 -17.56
N VAL F 4 -27.21 -22.89 -17.81
CA VAL F 4 -27.24 -21.73 -16.92
C VAL F 4 -27.90 -22.08 -15.59
N LEU F 5 -28.97 -22.88 -15.64
CA LEU F 5 -29.65 -23.41 -14.46
C LEU F 5 -28.72 -24.35 -13.69
N ALA F 6 -28.01 -25.20 -14.44
CA ALA F 6 -27.05 -26.14 -13.84
C ALA F 6 -25.94 -25.42 -13.09
N ALA F 7 -25.44 -24.34 -13.70
CA ALA F 7 -24.39 -23.52 -13.14
C ALA F 7 -24.83 -22.87 -11.84
N LYS F 8 -26.06 -22.37 -11.84
CA LYS F 8 -26.70 -21.79 -10.65
C LYS F 8 -26.72 -22.73 -9.46
N TYR F 9 -27.05 -24.00 -9.72
CA TYR F 9 -27.16 -24.99 -8.65
C TYR F 9 -25.78 -25.36 -8.08
N ILE F 10 -24.81 -25.54 -8.97
CA ILE F 10 -23.44 -25.80 -8.55
CA ILE F 10 -23.42 -25.78 -8.58
C ILE F 10 -22.92 -24.58 -7.78
N GLY F 11 -23.17 -23.39 -8.32
CA GLY F 11 -22.74 -22.15 -7.68
C GLY F 11 -23.32 -21.97 -6.29
N ALA F 12 -24.60 -22.30 -6.14
CA ALA F 12 -25.30 -22.22 -4.84
C ALA F 12 -24.63 -23.13 -3.80
N GLY F 13 -24.27 -24.34 -4.22
CA GLY F 13 -23.55 -25.26 -3.33
C GLY F 13 -22.17 -24.77 -2.91
N ILE F 14 -21.43 -24.21 -3.86
CA ILE F 14 -20.09 -23.69 -3.62
C ILE F 14 -20.15 -22.50 -2.67
N SER F 15 -21.22 -21.71 -2.81
CA SER F 15 -21.42 -20.50 -1.99
CA SER F 15 -21.36 -20.51 -1.99
CA SER F 15 -21.44 -20.51 -1.99
C SER F 15 -21.61 -20.78 -0.49
N THR F 16 -21.90 -22.02 -0.12
CA THR F 16 -22.03 -22.37 1.32
C THR F 16 -20.69 -22.79 1.98
N ILE F 17 -19.64 -23.00 1.19
CA ILE F 17 -18.36 -23.42 1.76
C ILE F 17 -17.86 -22.38 2.76
N GLY F 18 -17.95 -21.11 2.40
CA GLY F 18 -17.52 -20.02 3.28
C GLY F 18 -18.14 -20.00 4.67
N LEU F 19 -19.33 -20.60 4.80
CA LEU F 19 -20.00 -20.72 6.11
C LEU F 19 -19.11 -21.37 7.16
N LEU F 20 -18.12 -22.15 6.73
CA LEU F 20 -17.20 -22.79 7.67
C LEU F 20 -16.45 -21.75 8.52
N GLY F 21 -16.23 -20.57 7.94
CA GLY F 21 -15.52 -19.50 8.65
C GLY F 21 -16.31 -19.00 9.85
N ALA F 22 -17.61 -18.78 9.65
CA ALA F 22 -18.51 -18.39 10.74
C ALA F 22 -18.62 -19.52 11.78
N GLY F 23 -18.67 -20.77 11.32
CA GLY F 23 -18.81 -21.91 12.23
C GLY F 23 -17.61 -22.00 13.20
N ILE F 24 -16.42 -21.80 12.65
CA ILE F 24 -15.22 -21.80 13.45
C ILE F 24 -15.09 -20.49 14.26
N GLY F 25 -15.36 -19.36 13.62
CA GLY F 25 -15.17 -18.05 14.24
C GLY F 25 -16.08 -17.80 15.43
N ILE F 26 -17.37 -18.12 15.29
CA ILE F 26 -18.32 -17.98 16.39
C ILE F 26 -17.82 -18.74 17.62
N ALA F 27 -17.32 -19.95 17.36
CA ALA F 27 -16.80 -20.83 18.39
C ALA F 27 -15.58 -20.22 19.10
N ILE F 28 -14.67 -19.63 18.30
CA ILE F 28 -13.46 -19.00 18.82
C ILE F 28 -13.84 -17.87 19.78
N VAL F 29 -14.87 -17.12 19.40
CA VAL F 29 -15.34 -16.01 20.25
C VAL F 29 -15.88 -16.55 21.58
N PHE F 30 -16.72 -17.59 21.51
CA PHE F 30 -17.32 -18.12 22.72
C PHE F 30 -16.33 -18.84 23.61
N ALA F 31 -15.34 -19.50 22.99
CA ALA F 31 -14.20 -20.07 23.72
C ALA F 31 -13.46 -19.02 24.54
N ALA F 32 -13.15 -17.87 23.91
CA ALA F 32 -12.51 -16.74 24.62
C ALA F 32 -13.41 -16.26 25.78
N LEU F 33 -14.71 -16.15 25.52
CA LEU F 33 -15.65 -15.76 26.59
C LEU F 33 -15.55 -16.71 27.78
N ILE F 34 -15.62 -18.01 27.51
CA ILE F 34 -15.58 -19.03 28.54
C ILE F 34 -14.24 -19.00 29.31
N ASN F 35 -13.14 -18.96 28.56
CA ASN F 35 -11.79 -18.84 29.11
CA ASN F 35 -11.84 -18.90 29.19
C ASN F 35 -11.62 -17.60 30.00
N GLY F 36 -12.04 -16.47 29.46
CA GLY F 36 -11.91 -15.19 30.17
C GLY F 36 -12.72 -15.14 31.46
N VAL F 37 -13.93 -15.69 31.42
CA VAL F 37 -14.82 -15.70 32.59
C VAL F 37 -14.34 -16.70 33.66
N SER F 38 -13.82 -17.85 33.24
CA SER F 38 -13.27 -18.82 34.17
CA SER F 38 -13.28 -18.82 34.19
CA SER F 38 -13.28 -18.82 34.18
C SER F 38 -12.07 -18.24 34.93
N ARG F 39 -11.24 -17.48 34.21
CA ARG F 39 -10.03 -16.89 34.79
C ARG F 39 -10.36 -15.67 35.64
N ASN F 40 -11.40 -14.93 35.28
CA ASN F 40 -11.77 -13.69 35.97
C ASN F 40 -13.30 -13.45 35.99
N PRO F 41 -14.03 -14.18 36.86
CA PRO F 41 -15.51 -14.15 36.85
C PRO F 41 -16.09 -12.75 36.93
N SER F 42 -15.39 -11.84 37.63
CA SER F 42 -15.90 -10.49 37.83
C SER F 42 -15.97 -9.67 36.53
N ILE F 43 -15.33 -10.16 35.47
CA ILE F 43 -15.29 -9.45 34.19
C ILE F 43 -16.46 -9.79 33.26
N LYS F 44 -17.29 -10.76 33.64
CA LYS F 44 -18.34 -11.29 32.75
C LYS F 44 -19.27 -10.26 32.11
N ASP F 45 -19.74 -9.27 32.88
CA ASP F 45 -20.69 -8.26 32.37
C ASP F 45 -20.04 -7.41 31.31
N THR F 46 -18.72 -7.28 31.41
CA THR F 46 -17.94 -6.51 30.47
C THR F 46 -17.68 -7.30 29.20
N VAL F 47 -17.29 -8.57 29.33
CA VAL F 47 -16.88 -9.33 28.15
C VAL F 47 -18.01 -10.00 27.38
N PHE F 48 -19.14 -10.26 28.05
CA PHE F 48 -20.30 -10.83 27.36
C PHE F 48 -20.79 -10.01 26.14
N PRO F 49 -21.05 -8.68 26.31
CA PRO F 49 -21.46 -7.90 25.11
C PRO F 49 -20.41 -7.90 23.99
N MET F 50 -19.12 -8.03 24.37
CA MET F 50 -18.02 -8.15 23.39
C MET F 50 -18.12 -9.45 22.60
N ALA F 51 -18.44 -10.54 23.29
CA ALA F 51 -18.66 -11.81 22.63
C ALA F 51 -19.87 -11.76 21.69
N ILE F 52 -20.94 -11.09 22.13
CA ILE F 52 -22.11 -10.96 21.29
C ILE F 52 -21.77 -10.19 20.02
N LEU F 53 -21.02 -9.09 20.16
CA LEU F 53 -20.57 -8.31 19.00
C LEU F 53 -19.65 -9.13 18.09
N GLY F 54 -18.70 -9.84 18.67
CA GLY F 54 -17.79 -10.72 17.93
C GLY F 54 -18.55 -11.77 17.12
N PHE F 55 -19.46 -12.47 17.80
CA PHE F 55 -20.38 -13.45 17.17
C PHE F 55 -21.11 -12.86 15.94
N ALA F 56 -21.73 -11.70 16.15
CA ALA F 56 -22.56 -11.06 15.12
C ALA F 56 -21.76 -10.72 13.86
N LEU F 57 -20.56 -10.19 14.05
CA LEU F 57 -19.71 -9.78 12.94
C LEU F 57 -19.12 -10.97 12.18
N SER F 58 -18.72 -12.00 12.91
CA SER F 58 -18.25 -13.25 12.32
C SER F 58 -19.41 -13.88 11.51
N GLU F 59 -20.55 -13.97 12.17
CA GLU F 59 -21.82 -14.44 11.59
C GLU F 59 -22.21 -13.74 10.27
N ALA F 60 -22.02 -12.43 10.21
CA ALA F 60 -22.35 -11.64 9.02
C ALA F 60 -21.60 -12.13 7.78
N THR F 61 -20.34 -12.55 7.97
CA THR F 61 -19.56 -13.09 6.85
C THR F 61 -20.25 -14.34 6.29
N GLY F 62 -20.76 -15.18 7.20
CA GLY F 62 -21.58 -16.34 6.83
C GLY F 62 -22.90 -15.91 6.17
N LEU F 63 -23.50 -14.85 6.69
CA LEU F 63 -24.71 -14.26 6.09
C LEU F 63 -24.53 -13.92 4.62
N PHE F 64 -23.39 -13.29 4.28
CA PHE F 64 -23.12 -12.90 2.90
C PHE F 64 -23.02 -14.09 1.96
N CYS F 65 -22.39 -15.16 2.45
CA CYS F 65 -22.25 -16.41 1.69
C CYS F 65 -23.61 -17.01 1.35
N LEU F 66 -24.46 -17.09 2.35
CA LEU F 66 -25.77 -17.69 2.20
C LEU F 66 -26.66 -16.82 1.31
N MET F 67 -26.43 -15.52 1.36
CA MET F 67 -27.11 -14.55 0.51
C MET F 67 -26.86 -14.81 -0.98
N VAL F 68 -25.59 -15.00 -1.33
CA VAL F 68 -25.20 -15.36 -2.70
C VAL F 68 -25.83 -16.70 -3.08
N SER F 69 -25.78 -17.66 -2.15
CA SER F 69 -26.41 -18.98 -2.35
C SER F 69 -27.91 -18.89 -2.68
N PHE F 70 -28.62 -18.05 -1.91
CA PHE F 70 -30.05 -17.83 -2.10
C PHE F 70 -30.37 -17.07 -3.39
N LEU F 71 -29.51 -16.11 -3.72
CA LEU F 71 -29.62 -15.37 -4.98
C LEU F 71 -29.46 -16.28 -6.19
N LEU F 72 -28.55 -17.26 -6.09
CA LEU F 72 -28.37 -18.26 -7.15
C LEU F 72 -29.50 -19.27 -7.19
N LEU F 73 -30.05 -19.60 -6.02
CA LEU F 73 -31.14 -20.57 -5.93
C LEU F 73 -32.48 -20.01 -6.43
N PHE F 74 -32.78 -18.77 -6.05
CA PHE F 74 -34.11 -18.20 -6.22
C PHE F 74 -34.12 -16.85 -6.95
N GLY F 75 -32.96 -16.21 -7.04
CA GLY F 75 -32.86 -14.92 -7.71
C GLY F 75 -32.47 -15.09 -9.17
N FME G 1 -23.03 -17.09 -25.53
CN FME G 1 -21.85 -17.72 -25.45
O1 FME G 1 -21.30 -17.92 -24.36
CA FME G 1 -23.53 -16.30 -24.41
CB FME G 1 -24.63 -15.35 -24.90
C FME G 1 -24.04 -17.17 -23.29
O FME G 1 -23.57 -17.00 -22.14
N GLN G 2 -24.31 -18.56 -23.21
CA GLN G 2 -24.79 -19.59 -22.23
C GLN G 2 -23.64 -20.02 -21.34
N LEU G 3 -22.51 -20.32 -21.97
CA LEU G 3 -21.30 -20.75 -21.28
C LEU G 3 -20.76 -19.61 -20.42
N VAL G 4 -20.78 -18.40 -20.96
CA VAL G 4 -20.31 -17.21 -20.27
C VAL G 4 -21.16 -16.93 -19.01
N LEU G 5 -22.48 -17.00 -19.16
CA LEU G 5 -23.39 -16.79 -18.03
C LEU G 5 -23.25 -17.89 -16.98
N ALA G 6 -23.09 -19.13 -17.44
CA ALA G 6 -22.82 -20.25 -16.53
C ALA G 6 -21.56 -19.99 -15.71
N ALA G 7 -20.52 -19.48 -16.37
CA ALA G 7 -19.24 -19.20 -15.73
C ALA G 7 -19.36 -18.08 -14.72
N LYS G 8 -20.17 -17.07 -15.05
CA LYS G 8 -20.42 -15.96 -14.15
C LYS G 8 -21.04 -16.45 -12.83
N TYR G 9 -21.99 -17.37 -12.93
CA TYR G 9 -22.67 -17.90 -11.75
C TYR G 9 -21.82 -18.84 -10.91
N ILE G 10 -21.04 -19.68 -11.59
CA ILE G 10 -20.12 -20.59 -10.91
C ILE G 10 -19.06 -19.76 -10.20
N GLY G 11 -18.53 -18.75 -10.90
CA GLY G 11 -17.48 -17.87 -10.39
C GLY G 11 -17.96 -17.02 -9.23
N ALA G 12 -19.25 -16.69 -9.22
CA ALA G 12 -19.86 -15.98 -8.11
C ALA G 12 -19.86 -16.85 -6.85
N GLY G 13 -20.20 -18.12 -7.01
CA GLY G 13 -20.15 -19.09 -5.89
C GLY G 13 -18.76 -19.21 -5.33
N ILE G 14 -17.78 -19.40 -6.23
CA ILE G 14 -16.37 -19.53 -5.85
C ILE G 14 -15.87 -18.29 -5.10
N SER G 15 -16.29 -17.11 -5.56
CA SER G 15 -15.81 -15.85 -5.02
CA SER G 15 -15.76 -15.86 -4.99
CA SER G 15 -15.85 -15.81 -5.02
C SER G 15 -16.21 -15.58 -3.55
N THR G 16 -17.12 -16.40 -3.01
CA THR G 16 -17.50 -16.26 -1.59
C THR G 16 -16.62 -17.12 -0.65
N ILE G 17 -15.85 -18.07 -1.21
CA ILE G 17 -15.03 -18.95 -0.36
C ILE G 17 -14.15 -18.11 0.58
N GLY G 18 -13.52 -17.07 0.01
CA GLY G 18 -12.59 -16.19 0.74
C GLY G 18 -13.11 -15.56 2.00
N LEU G 19 -14.43 -15.33 2.07
CA LEU G 19 -15.11 -14.77 3.25
C LEU G 19 -14.87 -15.59 4.52
N LEU G 20 -14.47 -16.85 4.37
CA LEU G 20 -14.14 -17.67 5.54
C LEU G 20 -12.96 -17.10 6.32
N GLY G 21 -12.07 -16.40 5.61
CA GLY G 21 -10.93 -15.75 6.26
C GLY G 21 -11.39 -14.62 7.20
N ALA G 22 -12.34 -13.83 6.75
CA ALA G 22 -12.94 -12.79 7.58
C ALA G 22 -13.79 -13.37 8.72
N GLY G 23 -14.46 -14.50 8.48
CA GLY G 23 -15.26 -15.14 9.54
C GLY G 23 -14.36 -15.58 10.70
N ILE G 24 -13.23 -16.15 10.34
CA ILE G 24 -12.24 -16.61 11.32
C ILE G 24 -11.46 -15.42 11.92
N GLY G 25 -11.00 -14.52 11.06
CA GLY G 25 -10.17 -13.40 11.47
C GLY G 25 -10.88 -12.47 12.44
N ILE G 26 -12.11 -12.07 12.10
CA ILE G 26 -12.91 -11.21 12.98
C ILE G 26 -12.99 -11.82 14.38
N ALA G 27 -13.16 -13.15 14.41
CA ALA G 27 -13.30 -13.88 15.66
C ALA G 27 -12.00 -13.89 16.46
N ILE G 28 -10.88 -14.04 15.74
CA ILE G 28 -9.55 -14.04 16.36
C ILE G 28 -9.33 -12.70 17.07
N VAL G 29 -9.76 -11.61 16.45
CA VAL G 29 -9.57 -10.27 17.03
C VAL G 29 -10.40 -10.14 18.29
N PHE G 30 -11.67 -10.56 18.24
CA PHE G 30 -12.56 -10.45 19.40
C PHE G 30 -12.17 -11.39 20.52
N ALA G 31 -11.67 -12.57 20.18
CA ALA G 31 -11.08 -13.49 21.17
C ALA G 31 -9.95 -12.81 21.94
N ALA G 32 -9.03 -12.17 21.20
CA ALA G 32 -7.91 -11.46 21.86
C ALA G 32 -8.39 -10.30 22.72
N LEU G 33 -9.40 -9.55 22.25
CA LEU G 33 -10.00 -8.49 23.06
C LEU G 33 -10.55 -9.06 24.38
N ILE G 34 -11.31 -10.15 24.26
CA ILE G 34 -11.96 -10.72 25.44
C ILE G 34 -10.88 -11.20 26.43
N ASN G 35 -9.88 -11.93 25.92
CA ASN G 35 -8.82 -12.42 26.79
CA ASN G 35 -8.73 -12.42 26.71
C ASN G 35 -7.95 -11.31 27.39
N GLY G 36 -7.66 -10.26 26.62
CA GLY G 36 -6.86 -9.17 27.16
C GLY G 36 -7.59 -8.35 28.23
N VAL G 37 -8.88 -8.11 28.01
CA VAL G 37 -9.68 -7.41 29.02
C VAL G 37 -9.88 -8.28 30.29
N SER G 38 -10.03 -9.60 30.13
CA SER G 38 -10.15 -10.50 31.30
CA SER G 38 -10.16 -10.49 31.30
CA SER G 38 -10.15 -10.50 31.30
C SER G 38 -8.89 -10.50 32.16
N ARG G 39 -7.73 -10.53 31.52
CA ARG G 39 -6.44 -10.49 32.27
C ARG G 39 -6.14 -9.10 32.83
N ASN G 40 -6.61 -8.05 32.16
CA ASN G 40 -6.27 -6.69 32.58
C ASN G 40 -7.46 -5.76 32.30
N PRO G 41 -8.49 -5.77 33.19
CA PRO G 41 -9.70 -4.98 32.93
C PRO G 41 -9.46 -3.48 32.66
N SER G 42 -8.45 -2.90 33.31
CA SER G 42 -8.15 -1.47 33.16
C SER G 42 -7.69 -1.07 31.74
N ILE G 43 -7.31 -2.04 30.91
CA ILE G 43 -6.83 -1.76 29.56
C ILE G 43 -7.98 -1.66 28.51
N LYS G 44 -9.22 -1.90 28.91
CA LYS G 44 -10.35 -1.96 27.98
C LYS G 44 -10.45 -0.78 27.01
N ASP G 45 -10.43 0.44 27.54
CA ASP G 45 -10.57 1.62 26.69
C ASP G 45 -9.41 1.79 25.73
N THR G 46 -8.26 1.18 26.05
CA THR G 46 -7.10 1.21 25.16
C THR G 46 -7.23 0.18 24.02
N VAL G 47 -7.64 -1.04 24.34
CA VAL G 47 -7.64 -2.12 23.34
C VAL G 47 -8.92 -2.20 22.50
N PHE G 48 -10.04 -1.69 23.01
CA PHE G 48 -11.30 -1.77 22.26
C PHE G 48 -11.22 -1.08 20.89
N PRO G 49 -10.65 0.14 20.81
CA PRO G 49 -10.48 0.74 19.48
C PRO G 49 -9.53 -0.08 18.57
N MET G 50 -8.58 -0.81 19.16
CA MET G 50 -7.70 -1.68 18.36
C MET G 50 -8.47 -2.86 17.76
N ALA G 51 -9.37 -3.42 18.55
CA ALA G 51 -10.21 -4.52 18.09
C ALA G 51 -11.17 -4.04 16.97
N ILE G 52 -11.67 -2.82 17.09
CA ILE G 52 -12.57 -2.28 16.08
C ILE G 52 -11.77 -2.09 14.76
N LEU G 53 -10.56 -1.55 14.88
CA LEU G 53 -9.70 -1.36 13.71
C LEU G 53 -9.36 -2.72 13.08
N GLY G 54 -8.87 -3.65 13.90
CA GLY G 54 -8.58 -5.02 13.46
C GLY G 54 -9.73 -5.73 12.74
N PHE G 55 -10.91 -5.70 13.34
CA PHE G 55 -12.11 -6.30 12.76
C PHE G 55 -12.41 -5.70 11.37
N ALA G 56 -12.37 -4.37 11.29
CA ALA G 56 -12.72 -3.64 10.07
C ALA G 56 -11.79 -4.02 8.92
N LEU G 57 -10.49 -4.05 9.22
CA LEU G 57 -9.47 -4.42 8.23
C LEU G 57 -9.63 -5.88 7.75
N SER G 58 -9.85 -6.81 8.69
CA SER G 58 -10.05 -8.23 8.36
C SER G 58 -11.34 -8.44 7.54
N GLU G 59 -12.40 -7.75 7.96
CA GLU G 59 -13.70 -7.77 7.29
C GLU G 59 -13.59 -7.34 5.81
N ALA G 60 -12.77 -6.32 5.58
CA ALA G 60 -12.61 -5.74 4.25
C ALA G 60 -12.11 -6.72 3.20
N THR G 61 -11.29 -7.68 3.61
CA THR G 61 -10.79 -8.73 2.71
C THR G 61 -11.99 -9.58 2.24
N GLY G 62 -12.94 -9.83 3.13
CA GLY G 62 -14.18 -10.55 2.78
C GLY G 62 -15.09 -9.73 1.88
N LEU G 63 -15.17 -8.43 2.17
CA LEU G 63 -15.90 -7.46 1.36
C LEU G 63 -15.45 -7.51 -0.09
N PHE G 64 -14.14 -7.61 -0.28
CA PHE G 64 -13.57 -7.62 -1.62
C PHE G 64 -13.93 -8.87 -2.41
N CYS G 65 -13.97 -10.02 -1.74
CA CYS G 65 -14.45 -11.28 -2.31
C CYS G 65 -15.91 -11.15 -2.74
N LEU G 66 -16.73 -10.58 -1.86
CA LEU G 66 -18.16 -10.42 -2.12
C LEU G 66 -18.40 -9.44 -3.27
N MET G 67 -17.52 -8.45 -3.38
CA MET G 67 -17.58 -7.50 -4.49
C MET G 67 -17.39 -8.19 -5.84
N VAL G 68 -16.36 -9.04 -5.93
CA VAL G 68 -16.11 -9.81 -7.14
C VAL G 68 -17.30 -10.75 -7.42
N SER G 69 -17.85 -11.32 -6.35
CA SER G 69 -19.05 -12.13 -6.43
C SER G 69 -20.23 -11.36 -7.05
N PHE G 70 -20.45 -10.14 -6.57
CA PHE G 70 -21.57 -9.31 -7.06
C PHE G 70 -21.29 -8.73 -8.45
N LEU G 71 -19.99 -8.60 -8.80
CA LEU G 71 -19.60 -8.23 -10.15
C LEU G 71 -19.98 -9.32 -11.14
N LEU G 72 -19.68 -10.57 -10.78
CA LEU G 72 -20.04 -11.72 -11.60
C LEU G 72 -21.56 -11.95 -11.66
N LEU G 73 -22.26 -11.62 -10.58
CA LEU G 73 -23.72 -11.78 -10.55
C LEU G 73 -24.46 -10.72 -11.38
N PHE G 74 -24.03 -9.46 -11.28
CA PHE G 74 -24.83 -8.33 -11.76
C PHE G 74 -24.09 -7.33 -12.67
N GLY G 75 -22.77 -7.46 -12.76
CA GLY G 75 -21.96 -6.54 -13.57
C GLY G 75 -21.80 -7.03 -14.99
N FME H 1 -14.44 -17.91 -28.47
CN FME H 1 -13.95 -19.04 -27.98
O1 FME H 1 -13.34 -19.08 -26.90
CA FME H 1 -14.37 -16.63 -27.77
CB FME H 1 -14.75 -15.50 -28.74
C FME H 1 -15.26 -16.56 -26.56
O FME H 1 -14.80 -16.18 -25.46
N GLN H 2 -16.40 -17.40 -26.46
CA GLN H 2 -17.23 -17.72 -25.28
C GLN H 2 -16.42 -18.52 -24.27
N LEU H 3 -15.65 -19.50 -24.76
CA LEU H 3 -14.87 -20.38 -23.87
C LEU H 3 -13.82 -19.60 -23.09
N VAL H 4 -13.14 -18.68 -23.77
CA VAL H 4 -12.14 -17.83 -23.15
C VAL H 4 -12.76 -16.86 -22.14
N LEU H 5 -13.88 -16.25 -22.51
CA LEU H 5 -14.63 -15.36 -21.61
C LEU H 5 -15.04 -16.11 -20.34
N ALA H 6 -15.62 -17.29 -20.54
CA ALA H 6 -16.03 -18.17 -19.44
C ALA H 6 -14.87 -18.45 -18.49
N ALA H 7 -13.73 -18.76 -19.09
CA ALA H 7 -12.50 -19.06 -18.37
C ALA H 7 -12.07 -17.87 -17.52
N LYS H 8 -12.07 -16.67 -18.09
CA LYS H 8 -11.61 -15.52 -17.32
C LYS H 8 -12.50 -15.20 -16.11
N TYR H 9 -13.79 -15.56 -16.20
CA TYR H 9 -14.74 -15.35 -15.11
C TYR H 9 -14.60 -16.38 -13.99
N ILE H 10 -14.39 -17.64 -14.36
CA ILE H 10 -14.10 -18.70 -13.43
C ILE H 10 -12.75 -18.43 -12.76
N GLY H 11 -11.73 -18.16 -13.56
CA GLY H 11 -10.41 -17.81 -13.04
C GLY H 11 -10.48 -16.66 -12.05
N ALA H 12 -11.29 -15.64 -12.37
CA ALA H 12 -11.45 -14.46 -11.52
C ALA H 12 -12.06 -14.80 -10.14
N GLY H 13 -13.12 -15.61 -10.12
CA GLY H 13 -13.67 -16.09 -8.84
C GLY H 13 -12.63 -16.87 -8.03
N ILE H 14 -11.86 -17.70 -8.72
CA ILE H 14 -10.86 -18.53 -8.05
C ILE H 14 -9.75 -17.67 -7.42
N SER H 15 -9.44 -16.57 -8.11
CA SER H 15 -8.39 -15.63 -7.71
CA SER H 15 -8.36 -15.69 -7.69
CA SER H 15 -8.39 -15.65 -7.72
C SER H 15 -8.68 -14.92 -6.40
N THR H 16 -9.92 -14.95 -5.95
CA THR H 16 -10.24 -14.28 -4.68
C THR H 16 -10.07 -15.19 -3.47
N ILE H 17 -9.94 -16.51 -3.70
CA ILE H 17 -9.81 -17.46 -2.60
C ILE H 17 -8.67 -17.08 -1.66
N GLY H 18 -7.53 -16.67 -2.25
CA GLY H 18 -6.33 -16.35 -1.49
C GLY H 18 -6.47 -15.20 -0.51
N LEU H 19 -7.47 -14.34 -0.73
CA LEU H 19 -7.80 -13.25 0.20
C LEU H 19 -8.08 -13.75 1.63
N LEU H 20 -8.48 -15.01 1.78
CA LEU H 20 -8.70 -15.56 3.12
C LEU H 20 -7.42 -15.49 4.00
N GLY H 21 -6.25 -15.58 3.36
CA GLY H 21 -4.97 -15.49 4.07
C GLY H 21 -4.77 -14.14 4.75
N ALA H 22 -5.01 -13.06 4.00
CA ALA H 22 -5.00 -11.70 4.54
C ALA H 22 -6.06 -11.52 5.63
N GLY H 23 -7.29 -11.98 5.38
CA GLY H 23 -8.35 -11.99 6.42
C GLY H 23 -7.90 -12.60 7.75
N ILE H 24 -7.24 -13.75 7.71
CA ILE H 24 -6.77 -14.41 8.92
C ILE H 24 -5.52 -13.72 9.47
N GLY H 25 -4.58 -13.42 8.58
CA GLY H 25 -3.31 -12.80 8.96
C GLY H 25 -3.51 -11.44 9.59
N ILE H 26 -4.27 -10.55 8.95
CA ILE H 26 -4.52 -9.25 9.56
C ILE H 26 -4.97 -9.43 11.03
N ALA H 27 -5.88 -10.38 11.24
CA ALA H 27 -6.45 -10.65 12.56
C ALA H 27 -5.41 -11.15 13.56
N ILE H 28 -4.51 -12.03 13.10
CA ILE H 28 -3.44 -12.58 13.94
C ILE H 28 -2.54 -11.43 14.44
N VAL H 29 -2.23 -10.48 13.57
CA VAL H 29 -1.41 -9.32 13.95
C VAL H 29 -2.13 -8.48 15.03
N PHE H 30 -3.39 -8.12 14.78
CA PHE H 30 -4.13 -7.34 15.77
C PHE H 30 -4.39 -8.10 17.07
N ALA H 31 -4.53 -9.43 16.99
CA ALA H 31 -4.65 -10.25 18.21
C ALA H 31 -3.39 -10.12 19.08
N ALA H 32 -2.22 -10.24 18.44
CA ALA H 32 -0.94 -10.08 19.16
C ALA H 32 -0.80 -8.69 19.78
N LEU H 33 -1.13 -7.65 19.00
CA LEU H 33 -1.15 -6.25 19.48
C LEU H 33 -1.99 -6.13 20.77
N ILE H 34 -3.22 -6.61 20.70
CA ILE H 34 -4.15 -6.51 21.82
C ILE H 34 -3.60 -7.28 23.02
N ASN H 35 -3.15 -8.51 22.81
CA ASN H 35 -2.62 -9.31 23.93
CA ASN H 35 -2.56 -9.35 23.87
C ASN H 35 -1.31 -8.72 24.46
N GLY H 36 -0.49 -8.14 23.57
CA GLY H 36 0.78 -7.55 24.00
C GLY H 36 0.55 -6.36 24.91
N VAL H 37 -0.35 -5.49 24.47
CA VAL H 37 -0.71 -4.27 25.20
C VAL H 37 -1.42 -4.59 26.54
N SER H 38 -2.28 -5.62 26.56
CA SER H 38 -2.94 -6.04 27.80
CA SER H 38 -2.94 -6.04 27.80
CA SER H 38 -2.93 -6.04 27.80
C SER H 38 -1.92 -6.48 28.86
N ARG H 39 -0.94 -7.29 28.44
CA ARG H 39 0.09 -7.78 29.38
C ARG H 39 1.09 -6.69 29.77
N ASN H 40 1.38 -5.77 28.84
CA ASN H 40 2.36 -4.71 29.09
C ASN H 40 1.94 -3.37 28.48
N PRO H 41 1.04 -2.62 29.16
CA PRO H 41 0.51 -1.42 28.54
C PRO H 41 1.57 -0.40 28.14
N SER H 42 2.71 -0.35 28.85
CA SER H 42 3.76 0.64 28.55
C SER H 42 4.41 0.38 27.20
N ILE H 43 4.18 -0.81 26.62
CA ILE H 43 4.84 -1.16 25.36
C ILE H 43 4.05 -0.73 24.11
N LYS H 44 2.85 -0.21 24.32
CA LYS H 44 1.91 0.13 23.24
C LYS H 44 2.56 0.92 22.08
N ASP H 45 3.29 1.99 22.42
CA ASP H 45 3.84 2.90 21.39
C ASP H 45 4.97 2.26 20.61
N THR H 46 5.54 1.20 21.20
CA THR H 46 6.61 0.43 20.57
C THR H 46 5.99 -0.60 19.61
N VAL H 47 4.93 -1.27 20.04
CA VAL H 47 4.41 -2.37 19.21
C VAL H 47 3.35 -1.95 18.18
N PHE H 48 2.75 -0.79 18.38
CA PHE H 48 1.71 -0.33 17.46
C PHE H 48 2.26 -0.17 16.03
N PRO H 49 3.46 0.44 15.86
CA PRO H 49 3.97 0.55 14.49
C PRO H 49 4.31 -0.81 13.87
N MET H 50 4.62 -1.80 14.71
CA MET H 50 4.93 -3.14 14.25
C MET H 50 3.67 -3.82 13.74
N ALA H 51 2.55 -3.58 14.41
CA ALA H 51 1.26 -4.08 13.99
C ALA H 51 0.79 -3.42 12.69
N ILE H 52 1.05 -2.13 12.55
CA ILE H 52 0.76 -1.44 11.27
C ILE H 52 1.57 -2.10 10.16
N LEU H 53 2.87 -2.32 10.40
CA LEU H 53 3.74 -2.90 9.37
C LEU H 53 3.30 -4.32 9.03
N GLY H 54 3.07 -5.14 10.05
CA GLY H 54 2.60 -6.51 9.89
C GLY H 54 1.29 -6.65 9.13
N PHE H 55 0.31 -5.82 9.47
CA PHE H 55 -0.97 -5.91 8.79
C PHE H 55 -0.84 -5.46 7.33
N ALA H 56 -0.05 -4.41 7.08
CA ALA H 56 0.11 -3.89 5.71
C ALA H 56 0.77 -4.93 4.80
N LEU H 57 1.76 -5.64 5.33
CA LEU H 57 2.44 -6.70 4.57
C LEU H 57 1.54 -7.93 4.31
N SER H 58 0.78 -8.35 5.32
CA SER H 58 -0.18 -9.45 5.15
C SER H 58 -1.30 -9.05 4.15
N GLU H 59 -1.83 -7.85 4.34
CA GLU H 59 -2.77 -7.21 3.42
C GLU H 59 -2.29 -7.24 1.95
N ALA H 60 -1.02 -6.94 1.72
CA ALA H 60 -0.43 -6.94 0.37
C ALA H 60 -0.64 -8.25 -0.40
N THR H 61 -0.51 -9.39 0.30
CA THR H 61 -0.77 -10.71 -0.32
C THR H 61 -2.18 -10.80 -0.90
N GLY H 62 -3.14 -10.25 -0.16
CA GLY H 62 -4.53 -10.23 -0.61
C GLY H 62 -4.71 -9.31 -1.80
N LEU H 63 -4.02 -8.17 -1.77
CA LEU H 63 -4.05 -7.17 -2.85
C LEU H 63 -3.48 -7.73 -4.15
N PHE H 64 -2.53 -8.64 -4.06
CA PHE H 64 -1.99 -9.31 -5.25
C PHE H 64 -2.99 -10.28 -5.86
N CYS H 65 -3.69 -11.05 -5.02
CA CYS H 65 -4.79 -11.91 -5.46
C CYS H 65 -5.83 -11.08 -6.23
N LEU H 66 -6.24 -9.97 -5.62
CA LEU H 66 -7.29 -9.09 -6.14
C LEU H 66 -6.89 -8.45 -7.47
N MET H 67 -5.59 -8.16 -7.60
CA MET H 67 -5.02 -7.60 -8.82
C MET H 67 -5.15 -8.59 -9.98
N VAL H 68 -4.88 -9.86 -9.69
CA VAL H 68 -5.03 -10.91 -10.70
C VAL H 68 -6.51 -11.01 -11.08
N SER H 69 -7.37 -11.08 -10.05
CA SER H 69 -8.83 -11.05 -10.21
C SER H 69 -9.32 -9.96 -11.17
N PHE H 70 -8.85 -8.73 -10.96
CA PHE H 70 -9.25 -7.60 -11.77
C PHE H 70 -8.64 -7.65 -13.18
N LEU H 71 -7.47 -8.29 -13.30
CA LEU H 71 -6.84 -8.51 -14.59
C LEU H 71 -7.62 -9.52 -15.43
N LEU H 72 -8.21 -10.51 -14.75
CA LEU H 72 -9.05 -11.51 -15.42
C LEU H 72 -10.43 -10.95 -15.78
N LEU H 73 -10.97 -10.10 -14.91
CA LEU H 73 -12.26 -9.46 -15.14
C LEU H 73 -12.20 -8.37 -16.22
N PHE H 74 -11.16 -7.55 -16.19
CA PHE H 74 -11.09 -6.37 -17.05
C PHE H 74 -10.01 -6.45 -18.14
N GLY H 75 -9.28 -7.56 -18.18
CA GLY H 75 -8.20 -7.75 -19.17
C GLY H 75 -8.69 -7.82 -20.59
N FME I 1 -6.81 -21.63 -30.63
CN FME I 1 -6.94 -22.85 -31.17
O1 FME I 1 -5.98 -23.58 -31.30
CA FME I 1 -6.01 -21.44 -29.44
CB FME I 1 -5.22 -20.13 -29.57
CG FME I 1 -6.11 -18.89 -29.52
SD FME I 1 -5.84 -17.90 -30.95
CE FME I 1 -7.08 -18.57 -32.01
C FME I 1 -6.84 -21.51 -28.19
O FME I 1 -6.42 -20.96 -27.14
N GLN I 2 -8.25 -21.52 -28.37
CA GLN I 2 -9.14 -20.97 -27.30
C GLN I 2 -9.10 -21.82 -26.03
N LEU I 3 -8.94 -23.13 -26.20
CA LEU I 3 -8.79 -24.05 -25.08
C LEU I 3 -7.49 -23.80 -24.30
N VAL I 4 -6.45 -23.40 -25.02
CA VAL I 4 -5.18 -23.05 -24.38
C VAL I 4 -5.28 -21.72 -23.61
N LEU I 5 -5.89 -20.71 -24.23
CA LEU I 5 -6.14 -19.44 -23.56
C LEU I 5 -6.98 -19.66 -22.30
N ALA I 6 -8.05 -20.44 -22.45
CA ALA I 6 -8.94 -20.78 -21.34
C ALA I 6 -8.16 -21.37 -20.17
N ALA I 7 -7.27 -22.31 -20.47
CA ALA I 7 -6.50 -23.01 -19.43
C ALA I 7 -5.47 -22.11 -18.77
N LYS I 8 -4.87 -21.23 -19.57
CA LYS I 8 -3.97 -20.21 -19.03
C LYS I 8 -4.67 -19.33 -18.00
N TYR I 9 -5.92 -18.95 -18.27
CA TYR I 9 -6.68 -18.04 -17.39
C TYR I 9 -7.20 -18.73 -16.13
N ILE I 10 -7.72 -19.95 -16.27
CA ILE I 10 -8.11 -20.76 -15.11
C ILE I 10 -6.87 -21.00 -14.25
N GLY I 11 -5.78 -21.42 -14.90
CA GLY I 11 -4.51 -21.72 -14.21
C GLY I 11 -3.94 -20.54 -13.46
N ALA I 12 -4.03 -19.35 -14.06
CA ALA I 12 -3.58 -18.11 -13.44
C ALA I 12 -4.32 -17.86 -12.12
N GLY I 13 -5.63 -18.08 -12.14
CA GLY I 13 -6.45 -17.90 -10.94
C GLY I 13 -6.11 -18.92 -9.87
N ILE I 14 -5.98 -20.18 -10.26
CA ILE I 14 -5.57 -21.23 -9.34
C ILE I 14 -4.22 -20.92 -8.66
N SER I 15 -3.33 -20.24 -9.39
CA SER I 15 -1.96 -19.92 -8.93
CA SER I 15 -1.98 -19.98 -8.87
CA SER I 15 -1.96 -19.95 -8.91
C SER I 15 -1.90 -18.87 -7.82
N THR I 16 -2.99 -18.15 -7.60
CA THR I 16 -3.00 -17.17 -6.50
C THR I 16 -3.43 -17.81 -5.16
N ILE I 17 -3.97 -19.03 -5.20
CA ILE I 17 -4.42 -19.70 -3.97
C ILE I 17 -3.32 -19.76 -2.92
N GLY I 18 -2.12 -20.19 -3.34
CA GLY I 18 -0.94 -20.28 -2.47
C GLY I 18 -0.53 -19.00 -1.75
N LEU I 19 -0.93 -17.84 -2.27
CA LEU I 19 -0.67 -16.57 -1.56
C LEU I 19 -1.25 -16.54 -0.13
N LEU I 20 -2.28 -17.34 0.12
CA LEU I 20 -2.86 -17.38 1.47
C LEU I 20 -1.80 -17.79 2.51
N GLY I 21 -0.87 -18.64 2.09
CA GLY I 21 0.19 -19.12 2.99
C GLY I 21 1.06 -17.98 3.51
N ALA I 22 1.47 -17.09 2.59
CA ALA I 22 2.21 -15.89 2.94
C ALA I 22 1.36 -14.88 3.72
N GLY I 23 0.08 -14.75 3.38
CA GLY I 23 -0.82 -13.87 4.14
C GLY I 23 -0.87 -14.24 5.63
N ILE I 24 -1.00 -15.53 5.90
CA ILE I 24 -0.99 -16.05 7.27
C ILE I 24 0.44 -16.04 7.83
N GLY I 25 1.40 -16.47 7.01
CA GLY I 25 2.79 -16.60 7.45
C GLY I 25 3.39 -15.31 7.95
N ILE I 26 3.26 -14.26 7.14
CA ILE I 26 3.77 -12.93 7.49
C ILE I 26 3.23 -12.48 8.85
N ALA I 27 1.97 -12.81 9.09
CA ALA I 27 1.28 -12.40 10.27
C ALA I 27 1.80 -13.13 11.49
N ILE I 28 2.05 -14.44 11.33
CA ILE I 28 2.56 -15.28 12.40
C ILE I 28 3.91 -14.73 12.86
N VAL I 29 4.74 -14.27 11.90
CA VAL I 29 6.02 -13.67 12.21
C VAL I 29 5.86 -12.38 13.01
N PHE I 30 4.99 -11.49 12.54
CA PHE I 30 4.80 -10.22 13.21
C PHE I 30 4.11 -10.38 14.56
N ALA I 31 3.27 -11.41 14.70
CA ALA I 31 2.64 -11.72 15.98
C ALA I 31 3.71 -12.09 17.01
N ALA I 32 4.65 -12.95 16.60
CA ALA I 32 5.78 -13.34 17.46
C ALA I 32 6.65 -12.12 17.82
N LEU I 33 6.96 -11.27 16.84
CA LEU I 33 7.67 -10.00 17.12
C LEU I 33 6.98 -9.19 18.22
N ILE I 34 5.68 -8.98 18.07
CA ILE I 34 4.93 -8.14 18.99
C ILE I 34 4.85 -8.77 20.39
N ASN I 35 4.55 -10.06 20.45
CA ASN I 35 4.48 -10.74 21.72
CA ASN I 35 4.52 -10.83 21.70
C ASN I 35 5.87 -10.82 22.38
N GLY I 36 6.92 -11.01 21.57
CA GLY I 36 8.27 -11.11 22.11
C GLY I 36 8.72 -9.80 22.75
N VAL I 37 8.54 -8.72 22.02
CA VAL I 37 8.83 -7.36 22.54
C VAL I 37 7.96 -6.96 23.75
N SER I 38 6.67 -7.37 23.78
CA SER I 38 5.81 -7.08 24.93
CA SER I 38 5.82 -7.06 24.94
CA SER I 38 5.82 -7.06 24.94
C SER I 38 6.31 -7.78 26.21
N ARG I 39 6.81 -8.99 26.04
CA ARG I 39 7.29 -9.75 27.21
C ARG I 39 8.69 -9.30 27.62
N ASN I 40 9.48 -8.81 26.66
CA ASN I 40 10.86 -8.42 26.94
C ASN I 40 11.27 -7.27 26.03
N PRO I 41 10.85 -6.03 26.40
CA PRO I 41 11.13 -4.89 25.54
C PRO I 41 12.59 -4.74 25.11
N SER I 42 13.53 -5.18 25.95
CA SER I 42 14.95 -4.94 25.71
C SER I 42 15.46 -5.82 24.56
N ILE I 43 14.68 -6.81 24.13
CA ILE I 43 15.12 -7.69 23.06
C ILE I 43 14.80 -7.14 21.63
N LYS I 44 14.13 -5.99 21.58
CA LYS I 44 13.61 -5.47 20.31
C LYS I 44 14.63 -5.37 19.15
N ASP I 45 15.79 -4.77 19.40
CA ASP I 45 16.79 -4.61 18.32
C ASP I 45 17.35 -5.95 17.86
N THR I 46 17.26 -6.96 18.72
CA THR I 46 17.74 -8.31 18.39
C THR I 46 16.72 -9.06 17.50
N VAL I 47 15.45 -9.01 17.87
CA VAL I 47 14.43 -9.81 17.18
C VAL I 47 13.82 -9.11 15.99
N PHE I 48 13.93 -7.78 15.91
CA PHE I 48 13.37 -7.10 14.76
C PHE I 48 13.97 -7.58 13.42
N PRO I 49 15.32 -7.67 13.32
CA PRO I 49 15.91 -8.18 12.07
C PRO I 49 15.52 -9.63 11.77
N MET I 50 15.23 -10.42 12.81
CA MET I 50 14.78 -11.82 12.61
C MET I 50 13.40 -11.86 11.99
N ALA I 51 12.54 -10.92 12.41
CA ALA I 51 11.19 -10.76 11.88
C ALA I 51 11.23 -10.34 10.41
N ILE I 52 12.13 -9.43 10.08
CA ILE I 52 12.30 -8.96 8.69
C ILE I 52 12.73 -10.12 7.78
N LEU I 53 13.72 -10.90 8.23
CA LEU I 53 14.19 -12.08 7.48
C LEU I 53 13.07 -13.12 7.33
N GLY I 54 12.37 -13.39 8.43
CA GLY I 54 11.31 -14.40 8.44
C GLY I 54 10.15 -14.02 7.53
N PHE I 55 9.69 -12.78 7.62
CA PHE I 55 8.61 -12.35 6.74
C PHE I 55 9.04 -12.34 5.23
N ALA I 56 10.28 -11.94 4.95
CA ALA I 56 10.75 -11.87 3.55
C ALA I 56 10.78 -13.27 2.88
N LEU I 57 11.26 -14.26 3.63
CA LEU I 57 11.26 -15.67 3.21
C LEU I 57 9.85 -16.28 3.03
N SER I 58 8.95 -15.99 3.97
CA SER I 58 7.56 -16.43 3.87
C SER I 58 6.83 -15.72 2.71
N GLU I 59 7.00 -14.40 2.60
CA GLU I 59 6.42 -13.62 1.48
C GLU I 59 6.85 -14.10 0.09
N ALA I 60 8.12 -14.49 -0.03
CA ALA I 60 8.67 -14.99 -1.28
C ALA I 60 7.95 -16.23 -1.83
N THR I 61 7.47 -17.11 -0.94
CA THR I 61 6.69 -18.28 -1.36
C THR I 61 5.43 -17.85 -2.14
N GLY I 62 4.78 -16.81 -1.62
CA GLY I 62 3.63 -16.18 -2.29
C GLY I 62 4.01 -15.50 -3.59
N LEU I 63 5.19 -14.87 -3.63
CA LEU I 63 5.63 -14.19 -4.84
C LEU I 63 5.92 -15.20 -5.96
N PHE I 64 6.36 -16.40 -5.58
CA PHE I 64 6.55 -17.49 -6.56
C PHE I 64 5.25 -17.99 -7.19
N CYS I 65 4.19 -18.07 -6.39
CA CYS I 65 2.84 -18.33 -6.89
C CYS I 65 2.40 -17.26 -7.89
N LEU I 66 2.57 -16.00 -7.50
CA LEU I 66 2.24 -14.85 -8.34
C LEU I 66 3.04 -14.87 -9.65
N MET I 67 4.29 -15.34 -9.56
CA MET I 67 5.15 -15.48 -10.75
C MET I 67 4.59 -16.50 -11.73
N VAL I 68 4.19 -17.66 -11.22
CA VAL I 68 3.50 -18.64 -12.06
C VAL I 68 2.18 -18.06 -12.59
N SER I 69 1.50 -17.24 -11.78
CA SER I 69 0.26 -16.59 -12.22
C SER I 69 0.50 -15.67 -13.42
N PHE I 70 1.56 -14.86 -13.34
CA PHE I 70 1.91 -13.96 -14.43
C PHE I 70 2.46 -14.67 -15.67
N LEU I 71 3.21 -15.75 -15.47
CA LEU I 71 3.68 -16.58 -16.59
C LEU I 71 2.52 -17.19 -17.37
N LEU I 72 1.51 -17.67 -16.64
CA LEU I 72 0.30 -18.22 -17.25
C LEU I 72 -0.52 -17.14 -17.94
N LEU I 73 -0.70 -16.00 -17.27
CA LEU I 73 -1.38 -14.86 -17.87
C LEU I 73 -0.70 -14.35 -19.14
N PHE I 74 0.61 -14.11 -19.07
CA PHE I 74 1.30 -13.31 -20.11
C PHE I 74 2.42 -14.00 -20.90
N GLY I 75 2.79 -15.21 -20.51
CA GLY I 75 3.90 -15.93 -21.15
C GLY I 75 3.48 -17.23 -21.81
N FME J 1 -3.42 -31.78 -29.04
CN FME J 1 -4.24 -32.28 -28.12
O1 FME J 1 -3.84 -32.55 -26.99
CA FME J 1 -2.21 -31.05 -28.66
CB FME J 1 -1.36 -30.74 -29.89
CG FME J 1 0.13 -30.93 -29.58
C FME J 1 -2.52 -29.78 -27.92
O FME J 1 -1.94 -29.58 -26.83
N GLN J 2 -3.67 -28.99 -28.21
CA GLN J 2 -4.59 -28.09 -27.46
C GLN J 2 -4.92 -28.68 -26.09
N LEU J 3 -5.39 -29.92 -26.08
CA LEU J 3 -5.83 -30.60 -24.86
C LEU J 3 -4.66 -30.86 -23.90
N VAL J 4 -3.59 -31.47 -24.41
CA VAL J 4 -2.40 -31.74 -23.61
C VAL J 4 -1.80 -30.46 -23.05
N LEU J 5 -1.64 -29.44 -23.90
CA LEU J 5 -1.12 -28.14 -23.48
C LEU J 5 -1.98 -27.53 -22.38
N ALA J 6 -3.30 -27.53 -22.59
CA ALA J 6 -4.25 -27.03 -21.61
C ALA J 6 -4.07 -27.69 -20.24
N ALA J 7 -3.90 -29.01 -20.25
CA ALA J 7 -3.68 -29.79 -19.03
C ALA J 7 -2.40 -29.39 -18.29
N LYS J 8 -1.33 -29.16 -19.06
CA LYS J 8 -0.06 -28.71 -18.52
C LYS J 8 -0.24 -27.40 -17.76
N TYR J 9 -0.99 -26.48 -18.34
CA TYR J 9 -1.13 -25.15 -17.77
C TYR J 9 -2.01 -25.13 -16.51
N ILE J 10 -3.12 -25.87 -16.55
CA ILE J 10 -3.95 -26.01 -15.34
C ILE J 10 -3.14 -26.74 -14.27
N GLY J 11 -2.45 -27.82 -14.65
CA GLY J 11 -1.57 -28.56 -13.75
C GLY J 11 -0.51 -27.70 -13.08
N ALA J 12 0.16 -26.84 -13.87
CA ALA J 12 1.18 -25.93 -13.34
C ALA J 12 0.60 -24.99 -12.28
N GLY J 13 -0.55 -24.41 -12.56
CA GLY J 13 -1.28 -23.59 -11.57
C GLY J 13 -1.59 -24.34 -10.30
N ILE J 14 -2.12 -25.55 -10.46
CA ILE J 14 -2.48 -26.38 -9.31
C ILE J 14 -1.24 -26.71 -8.46
N SER J 15 -0.09 -26.87 -9.13
CA SER J 15 1.17 -27.26 -8.47
CA SER J 15 1.13 -27.29 -8.43
CA SER J 15 1.14 -27.28 -8.45
C SER J 15 1.73 -26.21 -7.52
N THR J 16 1.27 -24.98 -7.64
CA THR J 16 1.75 -23.93 -6.73
C THR J 16 0.98 -23.88 -5.39
N ILE J 17 -0.17 -24.56 -5.32
CA ILE J 17 -0.99 -24.53 -4.10
C ILE J 17 -0.16 -24.92 -2.87
N GLY J 18 0.59 -26.03 -3.01
CA GLY J 18 1.44 -26.56 -1.96
C GLY J 18 2.46 -25.59 -1.37
N LEU J 19 2.80 -24.53 -2.12
CA LEU J 19 3.72 -23.48 -1.63
C LEU J 19 3.19 -22.79 -0.35
N LEU J 20 1.88 -22.90 -0.10
CA LEU J 20 1.26 -22.32 1.10
C LEU J 20 1.80 -22.95 2.39
N GLY J 21 2.18 -24.24 2.32
CA GLY J 21 2.74 -24.96 3.46
C GLY J 21 4.07 -24.37 3.91
N ALA J 22 4.93 -24.05 2.94
CA ALA J 22 6.21 -23.41 3.21
C ALA J 22 6.00 -21.97 3.67
N GLY J 23 5.00 -21.30 3.10
CA GLY J 23 4.70 -19.93 3.50
C GLY J 23 4.37 -19.87 4.99
N ILE J 24 3.54 -20.82 5.43
CA ILE J 24 3.14 -20.93 6.83
C ILE J 24 4.26 -21.53 7.69
N GLY J 25 4.89 -22.59 7.20
CA GLY J 25 5.96 -23.26 7.93
C GLY J 25 7.17 -22.37 8.20
N ILE J 26 7.61 -21.64 7.18
CA ILE J 26 8.77 -20.76 7.36
C ILE J 26 8.49 -19.79 8.53
N ALA J 27 7.29 -19.22 8.52
CA ALA J 27 6.81 -18.34 9.58
C ALA J 27 6.76 -19.00 10.97
N ILE J 28 6.24 -20.22 11.05
CA ILE J 28 6.22 -20.95 12.32
C ILE J 28 7.63 -21.11 12.94
N VAL J 29 8.61 -21.42 12.10
CA VAL J 29 10.00 -21.54 12.56
C VAL J 29 10.54 -20.22 13.07
N PHE J 30 10.34 -19.15 12.31
CA PHE J 30 10.84 -17.85 12.71
C PHE J 30 10.10 -17.29 13.91
N ALA J 31 8.80 -17.61 14.02
CA ALA J 31 8.03 -17.29 15.23
C ALA J 31 8.65 -17.92 16.47
N ALA J 32 8.94 -19.22 16.43
CA ALA J 32 9.58 -19.89 17.56
C ALA J 32 10.94 -19.24 17.87
N LEU J 33 11.72 -18.95 16.83
CA LEU J 33 13.04 -18.29 17.01
C LEU J 33 12.89 -17.01 17.82
N ILE J 34 11.93 -16.17 17.41
CA ILE J 34 11.72 -14.88 18.03
C ILE J 34 11.22 -15.08 19.47
N ASN J 35 10.29 -16.02 19.67
CA ASN J 35 9.75 -16.23 21.01
CA ASN J 35 9.73 -16.32 21.00
C ASN J 35 10.82 -16.86 21.92
N GLY J 36 11.62 -17.77 21.38
CA GLY J 36 12.68 -18.38 22.17
C GLY J 36 13.75 -17.39 22.64
N VAL J 37 14.20 -16.54 21.71
CA VAL J 37 15.19 -15.50 22.04
C VAL J 37 14.66 -14.42 23.00
N SER J 38 13.39 -14.02 22.84
CA SER J 38 12.78 -13.06 23.76
CA SER J 38 12.77 -13.07 23.76
CA SER J 38 12.78 -13.06 23.76
C SER J 38 12.72 -13.62 25.19
N ARG J 39 12.40 -14.91 25.31
CA ARG J 39 12.32 -15.57 26.63
C ARG J 39 13.70 -15.82 27.24
N ASN J 40 14.68 -16.04 26.38
CA ASN J 40 16.00 -16.44 26.82
C ASN J 40 17.06 -15.89 25.86
N PRO J 41 17.35 -14.57 25.95
CA PRO J 41 18.26 -13.92 25.00
C PRO J 41 19.58 -14.68 24.82
N SER J 42 20.11 -15.27 25.88
CA SER J 42 21.43 -15.93 25.81
C SER J 42 21.44 -17.19 24.91
N ILE J 43 20.26 -17.69 24.52
CA ILE J 43 20.18 -18.93 23.74
C ILE J 43 20.27 -18.68 22.21
N LYS J 44 20.30 -17.41 21.82
CA LYS J 44 20.24 -17.02 20.40
C LYS J 44 21.21 -17.80 19.47
N ASP J 45 22.48 -17.91 19.85
CA ASP J 45 23.48 -18.55 18.99
C ASP J 45 23.28 -20.06 18.85
N THR J 46 22.59 -20.66 19.83
CA THR J 46 22.25 -22.09 19.83
C THR J 46 21.02 -22.35 18.94
N VAL J 47 20.01 -21.49 19.03
CA VAL J 47 18.76 -21.76 18.31
C VAL J 47 18.73 -21.21 16.88
N PHE J 48 19.52 -20.19 16.60
CA PHE J 48 19.51 -19.56 15.28
C PHE J 48 19.83 -20.60 14.18
N PRO J 49 20.93 -21.38 14.32
CA PRO J 49 21.14 -22.41 13.29
C PRO J 49 20.04 -23.50 13.25
N MET J 50 19.35 -23.74 14.37
CA MET J 50 18.19 -24.65 14.33
C MET J 50 17.08 -24.05 13.47
N ALA J 51 16.88 -22.73 13.57
CA ALA J 51 15.87 -22.05 12.77
C ALA J 51 16.24 -22.06 11.28
N ILE J 52 17.53 -21.90 10.99
CA ILE J 52 18.03 -21.96 9.60
C ILE J 52 17.77 -23.32 8.95
N LEU J 53 18.15 -24.39 9.64
CA LEU J 53 17.88 -25.76 9.16
C LEU J 53 16.37 -26.05 9.02
N GLY J 54 15.59 -25.65 10.02
CA GLY J 54 14.13 -25.87 9.99
C GLY J 54 13.44 -25.12 8.86
N PHE J 55 13.80 -23.85 8.67
CA PHE J 55 13.25 -23.09 7.55
C PHE J 55 13.70 -23.67 6.18
N ALA J 56 14.95 -24.11 6.07
CA ALA J 56 15.43 -24.72 4.81
C ALA J 56 14.65 -25.99 4.46
N LEU J 57 14.41 -26.83 5.46
CA LEU J 57 13.70 -28.08 5.23
C LEU J 57 12.22 -27.86 4.90
N SER J 58 11.57 -26.90 5.55
CA SER J 58 10.18 -26.57 5.28
C SER J 58 10.06 -25.96 3.88
N GLU J 59 10.94 -25.00 3.61
CA GLU J 59 11.07 -24.38 2.31
C GLU J 59 11.27 -25.37 1.14
N ALA J 60 12.05 -26.43 1.37
CA ALA J 60 12.30 -27.43 0.32
C ALA J 60 11.00 -28.09 -0.19
N THR J 61 10.00 -28.22 0.67
CA THR J 61 8.71 -28.76 0.23
C THR J 61 8.07 -27.88 -0.86
N GLY J 62 8.17 -26.57 -0.69
CA GLY J 62 7.65 -25.65 -1.71
C GLY J 62 8.46 -25.70 -2.99
N LEU J 63 9.77 -25.85 -2.84
CA LEU J 63 10.67 -26.02 -3.96
C LEU J 63 10.25 -27.19 -4.86
N PHE J 64 9.87 -28.32 -4.26
CA PHE J 64 9.38 -29.49 -4.99
C PHE J 64 8.12 -29.21 -5.81
N CYS J 65 7.17 -28.49 -5.20
CA CYS J 65 5.95 -28.04 -5.87
C CYS J 65 6.27 -27.18 -7.07
N LEU J 66 7.10 -26.16 -6.85
CA LEU J 66 7.50 -25.23 -7.88
C LEU J 66 8.28 -25.93 -9.00
N MET J 67 9.09 -26.91 -8.63
CA MET J 67 9.77 -27.76 -9.60
C MET J 67 8.77 -28.41 -10.55
N VAL J 68 7.73 -29.02 -9.95
CA VAL J 68 6.71 -29.72 -10.73
C VAL J 68 5.97 -28.70 -11.60
N SER J 69 5.67 -27.54 -11.02
CA SER J 69 5.10 -26.41 -11.76
C SER J 69 5.91 -26.06 -13.02
N PHE J 70 7.23 -25.91 -12.87
CA PHE J 70 8.10 -25.56 -13.99
C PHE J 70 8.21 -26.68 -15.02
N LEU J 71 8.19 -27.92 -14.55
CA LEU J 71 8.19 -29.09 -15.44
C LEU J 71 6.96 -29.09 -16.33
N LEU J 72 5.80 -28.81 -15.73
CA LEU J 72 4.55 -28.73 -16.49
C LEU J 72 4.55 -27.52 -17.43
N LEU J 73 5.06 -26.38 -16.96
CA LEU J 73 5.07 -25.15 -17.76
C LEU J 73 5.96 -25.23 -19.00
N PHE J 74 7.17 -25.75 -18.83
CA PHE J 74 8.17 -25.73 -19.89
C PHE J 74 8.61 -27.13 -20.34
N GLY J 75 8.66 -28.08 -19.41
CA GLY J 75 9.08 -29.44 -19.69
C GLY J 75 8.08 -30.22 -20.53
C1A EFO K . 10.43 -0.21 -6.25
C10 EFO K . 9.87 -0.11 -4.82
C11 EFO K . 10.26 1.28 -4.21
C12 EFO K . 9.52 1.60 -2.88
C1B EFO K . 10.08 0.75 -1.71
O37 EFO K . 11.69 1.33 -4.02
C36 EFO K . 12.22 2.58 -4.02
O36 EFO K . 11.54 3.60 -4.18
C35 EFO K . 13.60 2.70 -3.81
C34 EFO K . 14.33 1.53 -3.61
C33 EFO K . 15.71 1.57 -3.40
C3B EFO K . 16.37 0.79 -4.55
C32 EFO K . 16.10 0.93 -2.05
O32 EFO K . 17.53 0.87 -1.94
C31 EFO K . 15.53 1.66 -0.78
C3A EFO K . 16.06 3.09 -0.66
C30 EFO K . 15.82 0.94 0.41
O30 EFO K . 16.98 0.63 0.70
C29 EFO K . 14.78 0.59 1.29
C2D EFO K . 15.35 0.18 2.67
C28 EFO K . 13.89 -0.51 0.66
O28 EFO K . 14.71 -1.63 0.24
C27 EFO K . 12.78 -0.98 1.61
C2C EFO K . 11.90 -2.02 0.88
C26 EFO K . 12.01 0.12 2.07
O26 EFO K . 11.68 1.01 1.27
C25 EFO K . 11.60 0.21 3.41
C2B EFO K . 11.99 1.60 3.96
O25 EFO K . 12.25 -0.79 4.21
C24 EFO K . 10.05 -0.02 3.46
O24 EFO K . 9.71 -1.35 2.97
C23 EFO K . 9.30 0.26 4.81
C2A EFO K . 9.63 -0.76 5.91
C22 EFO K . 7.78 0.21 4.57
C21 EFO K . 7.42 1.02 3.48
C20 EFO K . 6.60 0.52 2.48
C19 EFO K . 6.23 1.32 1.40
C18 EFO K . 5.41 0.80 0.42
C17 EFO K . 5.01 1.56 -0.69
C1C EFO K . 3.51 1.27 -0.99
C1D EFO K . 2.60 2.27 -0.28
C16 EFO K . 5.82 1.16 -1.91
C15 EFO K . 7.19 1.81 -1.88
C13 EFO K . 8.02 1.39 -3.11
O14 EFO K . 7.78 0.00 -3.47
C8 EFO K . 8.33 -0.36 -4.79
O9 EFO K . 7.69 0.40 -5.86
C7 EFO K . 8.07 -1.88 -5.01
C6 EFO K . 6.56 -2.18 -5.18
C5 EFO K . 5.93 -1.30 -6.26
C51 EFO K . 6.44 -1.72 -7.65
C4 EFO K . 6.23 0.18 -5.93
C3 EFO K . 5.52 1.16 -6.89
C2 EFO K . 5.81 2.62 -6.50
C1 EFO K . 5.67 3.51 -7.74
O2 EFO K . 4.89 3.09 -5.51
C1A EFO L . 23.25 7.04 -12.42
C10 EFO L . 22.86 6.76 -10.97
C11 EFO L . 22.52 8.08 -10.24
C12 EFO L . 22.08 7.81 -8.76
C1B EFO L . 23.25 7.28 -7.89
O37 EFO L . 23.64 8.97 -10.31
C36 EFO L . 23.42 10.28 -10.06
O36 EFO L . 22.29 10.74 -9.86
C35 EFO L . 24.55 11.11 -10.03
C34 EFO L . 25.81 10.55 -10.24
C33 EFO L . 27.00 11.30 -10.23
C3B EFO L . 27.78 11.01 -11.53
C32 EFO L . 27.89 10.96 -9.02
O32 EFO L . 29.08 11.81 -9.06
C31 EFO L . 27.16 11.10 -7.63
C3A EFO L . 26.69 12.56 -7.38
C30 EFO L . 27.98 10.64 -6.56
O30 EFO L . 29.14 11.06 -6.48
C29 EFO L . 27.46 9.73 -5.58
C2D EFO L . 28.37 9.64 -4.35
C28 EFO L . 27.18 8.30 -6.22
O28 EFO L . 28.34 7.93 -7.03
C27 EFO L . 26.82 7.16 -5.21
C2C EFO L . 26.61 5.86 -6.03
C26 EFO L . 25.65 7.43 -4.40
O26 EFO L . 24.66 8.00 -4.91
C25 EFO L . 25.58 7.04 -3.03
C2B EFO L . 25.20 8.24 -2.14
O25 EFO L . 26.87 6.55 -2.60
C24 EFO L . 24.52 5.89 -2.86
O24 EFO L . 24.99 4.68 -3.50
C23 EFO L . 24.03 5.56 -1.41
C2A EFO L . 25.14 4.99 -0.46
C22 EFO L . 22.80 4.57 -1.46
C21 EFO L . 21.77 5.16 -2.21
C20 EFO L . 21.24 4.51 -3.33
C19 EFO L . 20.25 5.13 -4.11
C18 EFO L . 19.68 4.49 -5.20
C17 EFO L . 18.69 5.12 -5.99
C1C EFO L . 17.46 4.20 -6.06
C1D EFO L . 16.29 4.91 -6.79
C16 EFO L . 19.23 5.44 -7.42
C15 EFO L . 20.40 6.47 -7.36
C13 EFO L . 20.88 6.85 -8.77
O14 EFO L . 21.26 5.66 -9.50
C8 EFO L . 21.62 5.83 -10.88
O9 EFO L . 20.56 6.44 -11.67
C7 EFO L . 21.96 4.41 -11.43
C6 EFO L . 20.66 3.56 -11.65
C5 EFO L . 19.61 4.35 -12.45
C51 EFO L . 20.09 4.56 -13.91
C4 EFO L . 19.34 5.68 -11.75
C3 EFO L . 18.29 6.53 -12.48
C2 EFO L . 17.89 7.74 -11.63
C1 EFO L . 16.97 8.65 -12.44
O2 EFO L . 17.23 7.33 -10.44
C1A EFO M . -16.57 12.25 0.64
C10 EFO M . -16.54 13.51 1.53
C11 EFO M . -15.10 13.88 1.90
C12 EFO M . -15.04 15.11 2.85
C1B EFO M . -15.60 14.78 4.25
O37 EFO M . -14.49 12.72 2.46
C36 EFO M . -13.13 12.69 2.43
O36 EFO M . -12.45 13.52 1.81
C35 EFO M . -12.53 11.67 3.14
C34 EFO M . -13.36 10.78 3.82
C33 EFO M . -12.84 9.73 4.57
C3B EFO M . -13.41 8.41 3.98
C32 EFO M . -13.22 9.84 6.05
O32 EFO M . -12.80 8.63 6.70
C31 EFO M . -12.65 11.09 6.84
C3A EFO M . -11.10 11.15 6.77
C30 EFO M . -13.06 11.10 8.19
O30 EFO M . -12.75 10.16 8.92
C29 EFO M . -13.81 12.17 8.75
C2D EFO M . -13.97 11.96 10.26
C28 EFO M . -15.20 12.37 8.05
O28 EFO M . -15.94 11.13 8.05
C27 EFO M . -16.05 13.49 8.66
C2C EFO M . -17.41 13.53 7.93
C26 EFO M . -15.42 14.77 8.56
O26 EFO M . -14.88 15.12 7.49
C25 EFO M . -15.46 15.68 9.65
C2B EFO M . -14.01 16.09 10.02
O25 EFO M . -16.08 15.07 10.79
C24 EFO M . -16.32 16.90 9.17
O24 EFO M . -17.69 16.51 9.01
C23 EFO M . -16.23 18.23 9.98
C2A EFO M . -16.82 18.11 11.41
C22 EFO M . -16.98 19.35 9.20
C21 EFO M . -16.43 19.52 7.92
C20 EFO M . -17.20 19.54 6.76
C19 EFO M . -16.59 19.72 5.50
C18 EFO M . -17.36 19.75 4.33
C17 EFO M . -16.78 19.89 3.04
C1C EFO M . -17.66 20.77 2.14
C1D EFO M . -17.16 22.22 2.11
C16 EFO M . -16.72 18.54 2.32
C15 EFO M . -15.89 17.52 3.03
C13 EFO M . -15.80 16.28 2.17
O14 EFO M . -17.14 15.84 1.78
C8 EFO M . -17.16 14.71 0.83
O9 EFO M . -16.39 14.99 -0.39
C7 EFO M . -18.64 14.39 0.48
C6 EFO M . -19.24 15.46 -0.47
C5 EFO M . -18.33 15.74 -1.71
C51 EFO M . -18.33 14.54 -2.68
C4 EFO M . -16.92 16.08 -1.23
C3 EFO M . -15.97 16.39 -2.41
C2 EFO M . -14.68 17.06 -1.93
C1 EFO M . -13.67 17.10 -3.09
O2 EFO M . -14.97 18.40 -1.49
C1A EFO N . -31.43 -17.45 11.53
C10 EFO N . -30.73 -16.24 12.18
C11 EFO N . -29.53 -16.73 13.00
C12 EFO N . -28.74 -15.53 13.64
C1B EFO N . -29.51 -14.92 14.83
O37 EFO N . -30.02 -17.63 14.00
C36 EFO N . -29.22 -18.67 14.34
O36 EFO N . -28.09 -18.82 13.89
C35 EFO N . -29.74 -19.58 15.27
C34 EFO N . -31.03 -19.35 15.77
C33 EFO N . -31.67 -20.19 16.69
C3B EFO N . -33.09 -20.50 16.16
C32 EFO N . -31.77 -19.53 18.10
O32 EFO N . -32.56 -20.35 19.00
C31 EFO N . -30.38 -19.16 18.74
C3A EFO N . -29.45 -20.37 18.91
C30 EFO N . -30.55 -18.49 19.99
O30 EFO N . -30.94 -19.12 20.98
C29 EFO N . -30.24 -17.10 20.08
C2D EFO N . -30.45 -16.59 21.51
C28 EFO N . -31.11 -16.29 19.09
O28 EFO N . -32.51 -16.61 19.32
C27 EFO N . -30.90 -14.73 19.11
C2C EFO N . -31.75 -14.16 17.96
C26 EFO N . -29.55 -14.31 18.99
O26 EFO N . -28.86 -14.82 18.10
C25 EFO N . -28.99 -13.27 19.81
C2B EFO N . -27.75 -13.80 20.56
O25 EFO N . -29.93 -12.80 20.78
C24 EFO N . -28.67 -12.04 18.88
O24 EFO N . -29.88 -11.48 18.38
C23 EFO N . -27.74 -10.91 19.48
C2A EFO N . -28.25 -10.34 20.83
C22 EFO N . -27.57 -9.76 18.48
C21 EFO N . -26.87 -10.25 17.37
C20 EFO N . -27.38 -10.14 16.09
C19 EFO N . -26.63 -10.68 15.05
C18 EFO N . -27.07 -10.61 13.73
C17 EFO N . -26.31 -11.19 12.72
C1C EFO N . -25.82 -10.12 11.72
C1D EFO N . -25.61 -10.71 10.32
C16 EFO N . -27.14 -12.30 12.05
C15 EFO N . -27.74 -13.23 13.14
C13 EFO N . -28.39 -14.47 12.54
O14 EFO N . -29.60 -14.11 11.81
C8 EFO N . -30.29 -15.21 11.13
O9 EFO N . -29.42 -15.87 10.13
C7 EFO N . -31.57 -14.64 10.45
C6 EFO N . -31.22 -13.78 9.23
C5 EFO N . -30.34 -14.55 8.22
C51 EFO N . -31.13 -15.69 7.55
C4 EFO N . -29.07 -15.06 8.94
C3 EFO N . -28.18 -15.85 7.95
C2 EFO N . -26.92 -16.34 8.65
C1 EFO N . -26.14 -17.25 7.70
O2 EFO N . -26.10 -15.22 9.03
C1A EFO O . -23.61 -4.76 6.45
C10 EFO O . -22.34 -4.11 7.04
C11 EFO O . -21.68 -5.12 8.01
C12 EFO O . -20.33 -4.63 8.57
C1B EFO O . -20.54 -3.53 9.65
O37 EFO O . -22.58 -5.41 9.09
C36 EFO O . -22.32 -6.59 9.74
O36 EFO O . -21.33 -7.29 9.50
C35 EFO O . -23.20 -6.98 10.74
C34 EFO O . -24.30 -6.18 11.04
C33 EFO O . -25.22 -6.55 12.02
C3B EFO O . -26.63 -6.35 11.43
C32 EFO O . -25.10 -5.76 13.33
O32 EFO O . -25.87 -6.43 14.35
C31 EFO O . -23.64 -5.58 13.84
C3A EFO O . -23.05 -6.94 14.25
C30 EFO O . -23.61 -4.73 14.95
O30 EFO O . -24.25 -5.03 15.97
C29 EFO O . -22.80 -3.55 14.93
C2D EFO O . -22.90 -2.78 16.27
C28 EFO O . -23.18 -2.64 13.72
O28 EFO O . -24.45 -1.97 13.96
C27 EFO O . -22.08 -1.59 13.35
C2C EFO O . -22.34 -1.14 11.91
C26 EFO O . -20.75 -2.07 13.50
O26 EFO O . -20.38 -3.07 12.88
C25 EFO O . -19.82 -1.39 14.34
C2B EFO O . -18.95 -2.41 15.10
O25 EFO O . -20.51 -0.58 15.31
C24 EFO O . -18.93 -0.47 13.42
O24 EFO O . -19.70 0.60 12.83
C23 EFO O . -17.64 0.11 14.08
C2A EFO O . -17.93 1.25 15.07
C22 EFO O . -16.70 0.63 12.98
C21 EFO O . -16.54 -0.37 12.02
C20 EFO O . -16.52 -0.06 10.66
C19 EFO O . -16.37 -1.13 9.79
C18 EFO O . -16.31 -0.98 8.41
C17 EFO O . -16.16 -2.16 7.68
C1C EFO O . -15.09 -2.05 6.58
C1D EFO O . -14.77 -3.45 6.06
C16 EFO O . -17.49 -2.57 7.07
C15 EFO O . -18.17 -3.53 8.03
C13 EFO O . -19.42 -4.14 7.44
O14 EFO O . -20.12 -3.20 6.55
C8 EFO O . -21.35 -3.70 5.93
O9 EFO O . -21.10 -4.85 5.04
C7 EFO O . -21.99 -2.53 5.10
C6 EFO O . -21.21 -2.24 3.78
C5 EFO O . -20.90 -3.52 2.98
C51 EFO O . -22.18 -4.10 2.33
C4 EFO O . -20.22 -4.53 3.91
C3 EFO O . -19.71 -5.77 3.16
C2 EFO O . -18.70 -6.53 4.04
C1 EFO O . -18.38 -7.87 3.38
O2 EFO O . -17.50 -5.77 4.19
C1A EFO P . -9.84 -0.21 0.89
C10 EFO P . -8.48 -0.02 1.61
C11 EFO P . -8.48 -0.87 2.90
C12 EFO P . -7.09 -0.97 3.62
C1B EFO P . -6.80 0.30 4.43
O37 EFO P . -9.50 -0.33 3.81
C36 EFO P . -10.07 -1.28 4.61
O36 EFO P . -9.76 -2.47 4.57
C35 EFO P . -11.02 -0.87 5.53
C34 EFO P . -11.38 0.47 5.59
C33 EFO P . -12.31 0.91 6.51
C3B EFO P . -13.58 1.35 5.76
C32 EFO P . -11.77 2.07 7.37
O32 EFO P . -12.83 2.53 8.24
C31 EFO P . -10.48 1.71 8.21
C3A EFO P . -10.63 0.37 8.94
C30 EFO P . -10.09 2.70 9.12
O30 EFO P . -10.91 3.23 9.88
C29 EFO P . -8.73 3.13 9.21
C2D EFO P . -8.50 3.99 10.47
C28 EFO P . -8.35 3.91 7.94
O28 EFO P . -9.21 5.07 7.81
C27 EFO P . -6.85 4.32 7.91
C2C EFO P . -6.59 5.20 6.66
C26 EFO P . -5.96 3.22 7.89
O26 EFO P . -6.22 2.24 7.18
C25 EFO P . -4.75 3.25 8.64
C2B EFO P . -4.77 2.11 9.67
O25 EFO P . -4.60 4.52 9.32
C24 EFO P . -3.54 3.08 7.66
O24 EFO P . -3.38 4.28 6.87
C23 EFO P . -2.18 2.69 8.33
C2A EFO P . -1.63 3.81 9.23
C22 EFO P . -1.13 2.36 7.25
C21 EFO P . -1.44 1.15 6.64
C20 EFO P . -1.38 1.00 5.27
C19 EFO P . -1.72 -0.23 4.73
C18 EFO P . -1.70 -0.47 3.36
C17 EFO P . -2.06 -1.72 2.86
C1C EFO P . -0.96 -2.16 1.86
C1D EFO P . -1.43 -3.23 0.88
C16 EFO P . -3.47 -1.64 2.19
C15 EFO P . -4.57 -1.30 3.24
C13 EFO P . -5.97 -1.30 2.59
O14 EFO P . -6.03 -0.37 1.47
C8 EFO P . -7.29 -0.40 0.69
O9 EFO P . -7.56 -1.73 0.15
C7 EFO P . -7.17 0.65 -0.45
C6 EFO P . -6.35 0.15 -1.68
C5 EFO P . -6.75 -1.29 -2.10
C51 EFO P . -8.17 -1.31 -2.70
C4 EFO P . -6.64 -2.20 -0.87
C3 EFO P . -6.87 -3.70 -1.20
C2 EFO P . -6.55 -4.56 0.03
C1 EFO P . -7.11 -5.98 -0.13
O2 EFO P . -5.13 -4.63 0.23
C1A EFO Q . 15.07 -17.49 -4.36
C10 EFO Q . 15.59 -18.32 -3.16
C11 EFO Q . 14.69 -18.06 -1.94
C12 EFO Q . 15.18 -18.86 -0.70
C1B EFO Q . 16.52 -18.31 -0.15
O37 EFO Q . 14.64 -16.67 -1.67
C36 EFO Q . 13.66 -16.22 -0.84
O36 EFO Q . 12.74 -16.92 -0.39
C35 EFO Q . 13.72 -14.86 -0.48
C34 EFO Q . 14.74 -14.06 -0.99
C33 EFO Q . 14.83 -12.71 -0.65
C3B EFO Q . 14.70 -11.87 -1.94
C32 EFO Q . 16.16 -12.41 0.10
O32 EFO Q . 16.29 -10.97 0.38
C31 EFO Q . 16.31 -13.20 1.44
C3A EFO Q . 15.13 -12.88 2.38
C30 EFO Q . 17.51 -12.90 2.11
O30 EFO Q . 17.80 -11.72 2.31
C29 EFO Q . 18.37 -13.93 2.60
C2D EFO Q . 19.46 -13.37 3.56
C28 EFO Q . 19.00 -14.74 1.42
O28 EFO Q . 19.69 -13.85 0.54
C27 EFO Q . 19.95 -15.86 1.87
C2C EFO Q . 20.49 -16.56 0.60
C26 EFO Q . 19.27 -16.82 2.69
O26 EFO Q . 18.17 -17.25 2.34
C25 EFO Q . 19.89 -17.35 3.87
C2B EFO Q . 18.94 -17.13 5.08
O25 EFO Q . 21.12 -16.68 4.13
C24 EFO Q . 20.16 -18.88 3.60
O24 EFO Q . 21.25 -19.04 2.67
C23 EFO Q . 20.40 -19.77 4.87
C2A EFO Q . 21.70 -19.41 5.64
C22 EFO Q . 20.38 -21.27 4.46
C21 EFO Q . 19.12 -21.59 3.88
C20 EFO Q . 18.99 -22.38 2.75
C19 EFO Q . 17.73 -22.68 2.18
C18 EFO Q . 17.57 -23.46 1.03
C17 EFO Q . 16.27 -23.71 0.49
C1C EFO Q . 16.13 -25.05 -0.21
C1D EFO Q . 16.52 -26.24 0.68
C16 EFO Q . 15.96 -22.66 -0.59
C15 EFO Q . 15.69 -21.27 0.01
C13 EFO Q . 15.21 -20.37 -1.10
O14 EFO Q . 16.01 -20.59 -2.29
C8 EFO Q . 15.60 -19.83 -3.47
O9 EFO Q . 14.25 -20.17 -3.90
C7 EFO Q . 16.65 -20.14 -4.58
C6 EFO Q . 16.44 -21.55 -5.18
C5 EFO Q . 14.96 -21.81 -5.55
C51 EFO Q . 14.53 -20.93 -6.74
C4 EFO Q . 14.10 -21.56 -4.30
C3 EFO Q . 12.60 -21.88 -4.50
C2 EFO Q . 11.91 -21.86 -3.13
C1 EFO Q . 10.38 -21.82 -3.30
O2 EFO Q . 12.30 -23.02 -2.39
#